data_6PSG
#
_entry.id   6PSG
#
_cell.length_a   59.555
_cell.length_b   106.674
_cell.length_c   96.261
_cell.angle_alpha   90.000
_cell.angle_beta   104.190
_cell.angle_gamma   90.000
#
_symmetry.space_group_name_H-M   'P 1 21 1'
#
loop_
_entity.id
_entity.type
_entity.pdbx_description
1 polymer 'Class D Carbapenemase OXA-48'
2 non-polymer 'CHLORIDE ION'
3 non-polymer '(2R,5R)-2-[(2S,3R)-3-hydroxy-1-oxobutan-2-yl]-5-[(2R)-tetrahydrofuran-2-yl]-2,5-dihydro-1,3-thiazole-4-carboxylic acid'
4 non-polymer GLYCEROL
5 water water
#
_entity_poly.entity_id   1
_entity_poly.type   'polypeptide(L)'
_entity_poly.pdbx_seq_one_letter_code
;MKHHHHHHMHHHHHHENLYFQGWQENKSWNAHFTEHKSQGVVVLWNENKQQGFTNNLKRANQAFLPASTFKIPNSLIALD
LGVVKDEHQVFKWDGQTRDIATWNRDHNLITAMKYSVVPVYQEFARQIGEARMSKMLHAFDYGNEDISGNVDSFWLDGGI
RISATEQISFLRKLYHNKLHVSERSQRIVKQAMLTEANGDYIIRAKTGYSTRIEPKIGWWVGWVELDDNVWFFAMNMDMP
TSDGLGLRQAITKEVLKQEKIIP
;
_entity_poly.pdbx_strand_id   A,B,C,D
#
loop_
_chem_comp.id
_chem_comp.type
_chem_comp.name
_chem_comp.formula
CL non-polymer 'CHLORIDE ION' 'Cl -1'
DGF non-polymer '(2R,5R)-2-[(2S,3R)-3-hydroxy-1-oxobutan-2-yl]-5-[(2R)-tetrahydrofuran-2-yl]-2,5-dihydro-1,3-thiazole-4-carboxylic acid' 'C12 H17 N O5 S'
GOL non-polymer GLYCEROL 'C3 H8 O3'
#
# COMPACT_ATOMS: atom_id res chain seq x y z
N ASN A 17 36.52 25.46 30.63
CA ASN A 17 35.48 25.33 31.65
C ASN A 17 34.11 25.03 31.02
N LEU A 18 33.49 23.94 31.48
CA LEU A 18 32.17 23.55 31.02
C LEU A 18 31.10 24.47 31.60
N TYR A 19 30.03 24.69 30.82
CA TYR A 19 28.91 25.52 31.23
C TYR A 19 27.60 24.76 31.00
N PHE A 20 26.62 25.01 31.88
CA PHE A 20 25.37 24.24 31.88
C PHE A 20 24.32 25.08 32.60
N GLN A 21 23.21 25.37 31.91
CA GLN A 21 22.13 26.15 32.51
C GLN A 21 21.33 25.36 33.55
N GLY A 22 21.29 24.05 33.43
CA GLY A 22 20.52 23.21 34.31
C GLY A 22 19.38 22.50 33.58
N TRP A 23 18.88 21.45 34.21
CA TRP A 23 17.69 20.76 33.73
C TRP A 23 16.45 21.53 34.15
N GLN A 24 15.60 21.88 33.19
CA GLN A 24 14.27 22.42 33.48
C GLN A 24 13.30 21.28 33.78
N GLU A 25 12.50 21.45 34.82
CA GLU A 25 11.52 20.44 35.21
C GLU A 25 10.15 20.84 34.67
N ASN A 26 9.61 20.01 33.80
CA ASN A 26 8.29 20.23 33.19
C ASN A 26 7.38 19.12 33.68
N LYS A 27 6.63 19.39 34.76
CA LYS A 27 5.77 18.36 35.34
C LYS A 27 4.56 18.06 34.47
N SER A 28 4.37 18.80 33.38
CA SER A 28 3.30 18.49 32.43
C SER A 28 3.40 17.05 31.92
N TRP A 29 4.61 16.57 31.61
CA TRP A 29 4.77 15.23 31.06
C TRP A 29 4.30 14.13 32.01
N ASN A 30 4.07 14.44 33.29
CA ASN A 30 3.61 13.42 34.21
C ASN A 30 2.26 12.83 33.82
N ALA A 31 1.44 13.62 33.13
CA ALA A 31 0.17 13.11 32.63
C ALA A 31 0.38 11.87 31.76
N HIS A 32 1.49 11.82 31.01
CA HIS A 32 1.74 10.66 30.16
C HIS A 32 1.99 9.40 30.99
N PHE A 33 2.52 9.54 32.21
CA PHE A 33 2.67 8.36 33.05
C PHE A 33 1.39 8.02 33.80
N THR A 34 0.75 9.03 34.40
CA THR A 34 -0.43 8.71 35.22
C THR A 34 -1.58 8.23 34.35
N GLU A 35 -1.74 8.78 33.14
CA GLU A 35 -2.80 8.31 32.27
C GLU A 35 -2.57 6.88 31.78
N HIS A 36 -1.38 6.32 32.00
CA HIS A 36 -1.14 4.90 31.78
C HIS A 36 -0.98 4.16 33.10
N LYS A 37 -1.40 4.77 34.20
CA LYS A 37 -1.33 4.14 35.52
C LYS A 37 0.08 3.66 35.81
N SER A 38 1.06 4.53 35.53
CA SER A 38 2.47 4.17 35.62
C SER A 38 3.24 5.28 36.32
N GLN A 39 4.50 4.98 36.63
CA GLN A 39 5.38 5.91 37.31
C GLN A 39 6.76 5.86 36.65
N GLY A 40 7.29 7.01 36.25
CA GLY A 40 8.65 7.02 35.76
C GLY A 40 9.12 8.42 35.43
N VAL A 41 10.26 8.48 34.75
CA VAL A 41 10.86 9.75 34.34
C VAL A 41 11.23 9.66 32.87
N VAL A 42 11.07 10.77 32.16
CA VAL A 42 11.63 10.95 30.83
C VAL A 42 12.60 12.12 30.93
N VAL A 43 13.79 11.96 30.37
CA VAL A 43 14.75 13.04 30.27
C VAL A 43 15.06 13.29 28.81
N LEU A 44 14.99 14.56 28.39
CA LEU A 44 15.32 14.99 27.04
C LEU A 44 16.46 16.01 27.08
N TRP A 45 17.27 15.99 26.04
CA TRP A 45 18.35 16.95 25.87
C TRP A 45 18.32 17.47 24.44
N ASN A 46 18.16 18.78 24.29
CA ASN A 46 18.21 19.46 23.00
C ASN A 46 19.68 19.73 22.67
N GLU A 47 20.23 19.02 21.67
CA GLU A 47 21.67 19.16 21.44
C GLU A 47 22.03 20.55 20.96
N ASN A 48 21.23 21.12 20.07
CA ASN A 48 21.56 22.43 19.53
C ASN A 48 21.53 23.50 20.62
N LYS A 49 20.48 23.48 21.45
CA LYS A 49 20.30 24.49 22.48
C LYS A 49 21.08 24.21 23.75
N GLN A 50 21.65 23.01 23.88
CA GLN A 50 22.33 22.59 25.09
C GLN A 50 21.42 22.75 26.31
N GLN A 51 20.16 22.34 26.14
CA GLN A 51 19.16 22.45 27.18
C GLN A 51 18.53 21.09 27.47
N GLY A 52 18.38 20.79 28.75
CA GLY A 52 17.79 19.55 29.22
C GLY A 52 16.46 19.78 29.89
N PHE A 53 15.56 18.80 29.73
CA PHE A 53 14.21 18.88 30.28
C PHE A 53 13.83 17.53 30.87
N THR A 54 13.09 17.57 31.97
CA THR A 54 12.61 16.34 32.59
C THR A 54 11.31 16.60 33.34
N ASN A 55 10.53 15.54 33.55
CA ASN A 55 9.33 15.62 34.36
C ASN A 55 9.60 15.44 35.85
N ASN A 56 10.81 15.00 36.22
CA ASN A 56 11.06 14.58 37.59
C ASN A 56 12.57 14.67 37.82
N LEU A 57 13.03 15.82 38.31
CA LEU A 57 14.46 16.08 38.42
C LEU A 57 15.16 15.09 39.35
N LYS A 58 14.47 14.64 40.39
CA LYS A 58 15.12 13.73 41.32
C LYS A 58 15.25 12.34 40.74
N ARG A 59 14.16 11.80 40.20
CA ARG A 59 14.26 10.48 39.58
C ARG A 59 15.19 10.53 38.38
N ALA A 60 15.31 11.69 37.72
CA ALA A 60 16.22 11.83 36.60
C ALA A 60 17.65 11.54 37.00
N ASN A 61 17.99 11.81 38.26
CA ASN A 61 19.34 11.64 38.78
C ASN A 61 19.50 10.39 39.61
N GLN A 62 18.42 9.65 39.82
CA GLN A 62 18.48 8.39 40.56
C GLN A 62 19.08 7.29 39.69
N ALA A 63 20.06 6.57 40.24
CA ALA A 63 20.81 5.57 39.49
C ALA A 63 20.19 4.20 39.70
N PHE A 64 20.05 3.45 38.60
CA PHE A 64 19.53 2.08 38.63
C PHE A 64 20.52 1.16 37.94
N LEU A 65 20.27 -0.15 38.05
CA LEU A 65 21.00 -1.10 37.23
C LEU A 65 20.73 -0.80 35.75
N PRO A 66 21.76 -0.75 34.90
CA PRO A 66 21.51 -0.48 33.47
C PRO A 66 20.77 -1.60 32.76
N ALA A 67 20.86 -2.83 33.26
CA ALA A 67 20.29 -4.00 32.58
C ALA A 67 20.74 -4.01 31.13
N SER A 68 19.84 -4.31 30.18
CA SER A 68 20.21 -4.46 28.77
C SER A 68 20.71 -3.17 28.13
N THR A 69 20.50 -2.00 28.73
CA THR A 69 21.14 -0.81 28.15
C THR A 69 22.66 -0.88 28.29
N PHE A 70 23.17 -1.78 29.10
CA PHE A 70 24.62 -2.01 29.14
C PHE A 70 25.15 -2.62 27.86
N LYS A 71 24.27 -3.12 26.99
CA LYS A 71 24.75 -3.66 25.71
C LYS A 71 25.45 -2.60 24.88
N ILE A 72 25.08 -1.33 25.05
CA ILE A 72 25.75 -0.23 24.35
C ILE A 72 27.22 -0.16 24.75
N PRO A 73 27.58 0.13 26.02
CA PRO A 73 29.01 0.16 26.36
C PRO A 73 29.68 -1.19 26.17
N ASN A 74 28.96 -2.27 26.49
CA ASN A 74 29.50 -3.62 26.30
C ASN A 74 29.89 -3.85 24.83
N SER A 75 29.02 -3.48 23.88
CA SER A 75 29.35 -3.65 22.45
C SER A 75 30.58 -2.82 22.07
N LEU A 76 30.64 -1.58 22.56
CA LEU A 76 31.74 -0.68 22.21
C LEU A 76 33.08 -1.27 22.65
N ILE A 77 33.13 -1.81 23.87
CA ILE A 77 34.37 -2.39 24.39
C ILE A 77 34.74 -3.65 23.61
N ALA A 78 33.76 -4.53 23.40
CA ALA A 78 34.03 -5.78 22.69
C ALA A 78 34.60 -5.51 21.30
N LEU A 79 34.02 -4.54 20.59
CA LEU A 79 34.53 -4.20 19.26
C LEU A 79 35.93 -3.61 19.33
N ASP A 80 36.16 -2.69 20.28
CA ASP A 80 37.43 -1.98 20.33
C ASP A 80 38.58 -2.88 20.75
N LEU A 81 38.31 -3.97 21.47
CA LEU A 81 39.34 -4.92 21.87
C LEU A 81 39.46 -6.10 20.91
N GLY A 82 38.71 -6.09 19.81
CA GLY A 82 38.73 -7.19 18.87
C GLY A 82 38.00 -8.44 19.34
N VAL A 83 37.31 -8.38 20.49
CA VAL A 83 36.46 -9.51 20.87
C VAL A 83 35.38 -9.73 19.81
N VAL A 84 34.89 -8.64 19.22
CA VAL A 84 33.95 -8.70 18.11
C VAL A 84 34.62 -8.03 16.91
N LYS A 85 34.80 -8.80 15.83
CA LYS A 85 35.59 -8.33 14.70
C LYS A 85 34.83 -7.28 13.89
N ASP A 86 33.54 -7.51 13.66
CA ASP A 86 32.70 -6.62 12.86
C ASP A 86 31.26 -7.03 13.09
N GLU A 87 30.34 -6.31 12.43
CA GLU A 87 28.92 -6.49 12.70
C GLU A 87 28.33 -7.71 12.03
N HIS A 88 29.12 -8.44 11.22
CA HIS A 88 28.65 -9.65 10.57
C HIS A 88 29.11 -10.92 11.27
N GLN A 89 30.05 -10.83 12.21
CA GLN A 89 30.57 -12.03 12.83
C GLN A 89 29.45 -12.76 13.56
N VAL A 90 29.40 -14.07 13.38
CA VAL A 90 28.34 -14.89 13.94
C VAL A 90 28.78 -15.43 15.28
N PHE A 91 27.94 -15.25 16.29
CA PHE A 91 28.08 -15.89 17.59
C PHE A 91 27.06 -17.02 17.63
N LYS A 92 27.55 -18.24 17.52
CA LYS A 92 26.65 -19.37 17.37
C LYS A 92 25.97 -19.68 18.70
N TRP A 93 24.73 -20.14 18.60
CA TRP A 93 23.97 -20.53 19.78
C TRP A 93 24.69 -21.63 20.55
N ASP A 94 24.72 -21.52 21.89
CA ASP A 94 25.42 -22.52 22.68
C ASP A 94 24.62 -23.81 22.85
N GLY A 95 23.39 -23.85 22.36
CA GLY A 95 22.57 -25.03 22.49
C GLY A 95 21.69 -25.08 23.72
N GLN A 96 21.91 -24.20 24.69
CA GLN A 96 21.00 -24.12 25.84
C GLN A 96 19.72 -23.41 25.43
N THR A 97 18.57 -24.02 25.72
CA THR A 97 17.28 -23.46 25.36
C THR A 97 16.80 -22.53 26.48
N ARG A 98 16.50 -21.29 26.14
CA ARG A 98 16.17 -20.26 27.10
C ARG A 98 14.77 -19.72 26.83
N ASP A 99 14.27 -18.92 27.78
CA ASP A 99 12.86 -18.52 27.81
C ASP A 99 12.47 -17.64 26.64
N ILE A 100 13.43 -16.97 26.01
CA ILE A 100 13.15 -16.04 24.92
C ILE A 100 13.55 -16.73 23.63
N ALA A 101 12.55 -17.04 22.80
CA ALA A 101 12.77 -17.88 21.61
C ALA A 101 13.85 -17.30 20.71
N THR A 102 13.75 -16.01 20.42
CA THR A 102 14.73 -15.37 19.54
C THR A 102 16.17 -15.52 20.03
N TRP A 103 16.37 -15.88 21.31
CA TRP A 103 17.72 -16.12 21.80
C TRP A 103 18.28 -17.48 21.38
N ASN A 104 17.41 -18.41 20.96
CA ASN A 104 17.83 -19.79 20.70
C ASN A 104 18.20 -19.99 19.23
N ARG A 105 19.15 -19.17 18.77
CA ARG A 105 19.61 -19.19 17.40
C ARG A 105 20.94 -18.46 17.34
N ASP A 106 21.57 -18.49 16.17
CA ASP A 106 22.79 -17.75 15.96
C ASP A 106 22.48 -16.26 15.83
N HIS A 107 23.49 -15.43 16.06
CA HIS A 107 23.30 -13.99 16.05
C HIS A 107 24.58 -13.31 15.60
N ASN A 108 24.42 -12.13 15.02
CA ASN A 108 25.52 -11.18 14.88
C ASN A 108 25.24 -10.00 15.82
N LEU A 109 26.12 -9.00 15.77
CA LEU A 109 25.96 -7.87 16.68
C LEU A 109 24.65 -7.13 16.42
N ILE A 110 24.26 -6.99 15.16
CA ILE A 110 23.01 -6.31 14.84
C ILE A 110 21.83 -7.01 15.48
N THR A 111 21.73 -8.33 15.26
CA THR A 111 20.58 -9.07 15.75
C THR A 111 20.68 -9.34 17.25
N ALA A 112 21.89 -9.49 17.77
CA ALA A 112 22.05 -9.65 19.22
C ALA A 112 21.59 -8.42 19.96
N MET A 113 21.73 -7.25 19.35
CA MET A 113 21.24 -6.09 20.06
C MET A 113 19.75 -5.89 19.83
N LYS A 114 19.27 -6.19 18.62
CA LYS A 114 17.84 -6.02 18.34
C LYS A 114 16.99 -6.94 19.20
N TYR A 115 17.46 -8.17 19.42
CA TYR A 115 16.72 -9.12 20.24
C TYR A 115 17.26 -9.16 21.67
N SER A 116 18.16 -8.25 22.02
CA SER A 116 18.75 -8.12 23.35
C SER A 116 19.13 -9.50 23.92
N VAL A 117 19.98 -10.19 23.16
CA VAL A 117 20.40 -11.57 23.44
C VAL A 117 21.44 -11.61 24.55
N VAL A 118 20.98 -11.75 25.80
CA VAL A 118 21.88 -11.71 26.96
C VAL A 118 23.08 -12.65 26.84
N PRO A 119 22.92 -13.95 26.51
CA PRO A 119 24.08 -14.87 26.59
C PRO A 119 25.19 -14.52 25.63
N VAL A 120 24.90 -13.84 24.53
CA VAL A 120 25.96 -13.35 23.67
C VAL A 120 26.78 -12.30 24.40
N TYR A 121 26.10 -11.37 25.08
CA TYR A 121 26.82 -10.30 25.75
C TYR A 121 27.50 -10.78 27.03
N GLN A 122 26.97 -11.78 27.71
CA GLN A 122 27.71 -12.32 28.85
C GLN A 122 29.04 -12.93 28.39
N GLU A 123 29.03 -13.60 27.22
CA GLU A 123 30.26 -14.13 26.66
C GLU A 123 31.24 -13.01 26.31
N PHE A 124 30.74 -11.92 25.72
CA PHE A 124 31.56 -10.73 25.51
C PHE A 124 32.22 -10.30 26.81
N ALA A 125 31.43 -10.24 27.88
CA ALA A 125 31.94 -9.79 29.17
C ALA A 125 33.05 -10.69 29.67
N ARG A 126 32.88 -12.01 29.52
CA ARG A 126 33.90 -12.94 30.01
C ARG A 126 35.21 -12.75 29.25
N GLN A 127 35.13 -12.58 27.93
CA GLN A 127 36.35 -12.40 27.15
C GLN A 127 36.98 -11.04 27.40
N ILE A 128 36.15 -10.01 27.55
CA ILE A 128 36.68 -8.71 27.99
C ILE A 128 37.43 -8.87 29.30
N GLY A 129 36.80 -9.51 30.28
CA GLY A 129 37.42 -9.72 31.56
C GLY A 129 37.28 -8.54 32.52
N GLU A 130 37.41 -8.85 33.81
CA GLU A 130 37.21 -7.87 34.86
C GLU A 130 38.08 -6.64 34.69
N ALA A 131 39.38 -6.84 34.52
CA ALA A 131 40.32 -5.71 34.54
C ALA A 131 40.01 -4.71 33.44
N ARG A 132 39.93 -5.18 32.19
CA ARG A 132 39.69 -4.28 31.07
C ARG A 132 38.30 -3.66 31.14
N MET A 133 37.31 -4.43 31.61
CA MET A 133 35.95 -3.89 31.71
C MET A 133 35.92 -2.69 32.64
N SER A 134 36.55 -2.83 33.82
CA SER A 134 36.63 -1.74 34.77
C SER A 134 37.34 -0.53 34.17
N LYS A 135 38.49 -0.76 33.53
CA LYS A 135 39.25 0.37 32.98
C LYS A 135 38.47 1.10 31.90
N MET A 136 37.78 0.36 31.04
CA MET A 136 36.97 1.00 29.99
C MET A 136 35.83 1.81 30.58
N LEU A 137 35.12 1.24 31.56
CA LEU A 137 34.01 1.97 32.17
C LEU A 137 34.49 3.22 32.87
N HIS A 138 35.70 3.18 33.45
CA HIS A 138 36.28 4.40 33.99
C HIS A 138 36.58 5.40 32.89
N ALA A 139 37.12 4.93 31.76
CA ALA A 139 37.36 5.81 30.63
C ALA A 139 36.07 6.41 30.08
N PHE A 140 35.00 5.61 30.05
CA PHE A 140 33.71 6.14 29.63
C PHE A 140 33.07 7.06 30.67
N ASP A 141 33.56 7.07 31.92
CA ASP A 141 32.91 7.85 32.98
C ASP A 141 31.46 7.38 33.12
N TYR A 142 31.26 6.07 33.05
CA TYR A 142 29.95 5.47 32.88
C TYR A 142 29.32 5.18 34.25
N GLY A 143 28.25 5.91 34.58
CA GLY A 143 27.54 5.68 35.84
C GLY A 143 28.47 5.75 37.03
N ASN A 144 28.36 4.77 37.93
CA ASN A 144 29.23 4.74 39.10
C ASN A 144 30.51 3.95 38.85
N GLU A 145 30.71 3.45 37.62
CA GLU A 145 31.95 2.78 37.20
C GLU A 145 32.29 1.55 38.05
N ASP A 146 31.31 0.96 38.72
CA ASP A 146 31.54 -0.14 39.66
C ASP A 146 31.04 -1.44 39.05
N ILE A 147 31.95 -2.36 38.75
CA ILE A 147 31.60 -3.64 38.14
C ILE A 147 31.55 -4.78 39.15
N SER A 148 31.53 -4.48 40.45
CA SER A 148 31.48 -5.53 41.46
C SER A 148 30.35 -6.51 41.20
N GLY A 149 30.66 -7.80 41.32
CA GLY A 149 29.72 -8.86 41.03
C GLY A 149 30.34 -9.85 40.06
N ASN A 150 29.48 -10.67 39.46
CA ASN A 150 29.97 -11.59 38.43
C ASN A 150 30.37 -10.81 37.19
N VAL A 151 31.55 -11.12 36.65
CA VAL A 151 32.04 -10.49 35.42
C VAL A 151 30.99 -10.53 34.32
N ASP A 152 30.14 -11.56 34.30
CA ASP A 152 29.19 -11.75 33.21
C ASP A 152 27.75 -11.45 33.62
N SER A 153 27.54 -10.69 34.71
CA SER A 153 26.16 -10.33 35.06
C SER A 153 26.07 -9.10 35.97
N PHE A 154 27.18 -8.37 36.15
CA PHE A 154 27.17 -7.27 37.15
C PHE A 154 26.24 -6.15 36.74
N TRP A 155 25.97 -5.99 35.44
CA TRP A 155 24.98 -5.03 34.97
C TRP A 155 23.55 -5.52 35.12
N LEU A 156 23.37 -6.77 35.54
CA LEU A 156 22.06 -7.33 35.83
C LEU A 156 21.78 -7.46 37.32
N ASP A 157 22.82 -7.73 38.12
CA ASP A 157 22.60 -7.90 39.56
C ASP A 157 23.85 -7.63 40.38
N GLY A 158 24.80 -6.84 39.89
CA GLY A 158 25.98 -6.43 40.60
C GLY A 158 25.88 -5.00 41.10
N GLY A 159 27.02 -4.32 41.15
CA GLY A 159 27.03 -3.00 41.75
C GLY A 159 26.84 -1.82 40.82
N ILE A 160 26.83 -2.02 39.50
CA ILE A 160 26.86 -0.88 38.58
C ILE A 160 25.52 -0.16 38.61
N ARG A 161 25.57 1.17 38.68
CA ARG A 161 24.38 2.00 38.75
C ARG A 161 24.56 3.20 37.84
N ILE A 162 23.48 3.61 37.17
CA ILE A 162 23.50 4.75 36.25
C ILE A 162 22.13 5.41 36.26
N SER A 163 22.12 6.74 36.21
CA SER A 163 20.87 7.50 36.15
C SER A 163 20.53 7.86 34.71
N ALA A 164 19.29 8.33 34.53
CA ALA A 164 18.86 8.84 33.23
C ALA A 164 19.76 9.96 32.75
N THR A 165 20.18 10.88 33.63
CA THR A 165 21.01 11.98 33.17
C THR A 165 22.43 11.53 32.84
N GLU A 166 22.95 10.54 33.57
CA GLU A 166 24.23 9.95 33.21
C GLU A 166 24.13 9.16 31.89
N GLN A 167 22.95 8.63 31.56
CA GLN A 167 22.81 7.95 30.28
C GLN A 167 22.94 8.96 29.14
N ILE A 168 22.28 10.11 29.25
CA ILE A 168 22.42 11.17 28.25
C ILE A 168 23.89 11.56 28.08
N SER A 169 24.60 11.78 29.19
CA SER A 169 26.01 12.16 29.10
C SER A 169 26.80 11.17 28.27
N PHE A 170 26.69 9.88 28.61
CA PHE A 170 27.42 8.85 27.88
C PHE A 170 27.00 8.82 26.40
N LEU A 171 25.69 8.86 26.13
CA LEU A 171 25.20 8.83 24.76
C LEU A 171 25.71 10.01 23.94
N ARG A 172 25.79 11.20 24.56
CA ARG A 172 26.29 12.38 23.85
C ARG A 172 27.73 12.17 23.41
N LYS A 173 28.56 11.55 24.25
CA LYS A 173 29.92 11.26 23.82
C LYS A 173 29.91 10.30 22.63
N LEU A 174 29.07 9.27 22.70
CA LEU A 174 28.99 8.29 21.61
C LEU A 174 28.53 8.95 20.31
N TYR A 175 27.55 9.85 20.39
CA TYR A 175 27.06 10.50 19.19
C TYR A 175 28.18 11.28 18.50
N HIS A 176 29.01 11.98 19.27
CA HIS A 176 30.08 12.80 18.72
C HIS A 176 31.39 12.05 18.56
N ASN A 177 31.38 10.73 18.72
CA ASN A 177 32.58 9.91 18.58
C ASN A 177 33.66 10.31 19.58
N LYS A 178 33.24 10.80 20.75
CA LYS A 178 34.16 11.32 21.75
C LYS A 178 34.59 10.28 22.78
N LEU A 179 34.00 9.10 22.78
CA LEU A 179 34.41 8.07 23.73
C LEU A 179 35.83 7.61 23.43
N HIS A 180 36.47 7.03 24.44
CA HIS A 180 37.88 6.64 24.30
C HIS A 180 37.98 5.21 23.76
N VAL A 181 37.46 5.06 22.55
CA VAL A 181 37.56 3.87 21.73
C VAL A 181 37.64 4.36 20.30
N SER A 182 37.85 3.46 19.35
CA SER A 182 37.99 3.89 17.97
C SER A 182 36.69 4.48 17.43
N GLU A 183 36.84 5.45 16.52
CA GLU A 183 35.69 5.95 15.76
C GLU A 183 34.90 4.80 15.13
N ARG A 184 35.61 3.81 14.58
CA ARG A 184 34.93 2.71 13.91
C ARG A 184 34.06 1.92 14.89
N SER A 185 34.60 1.60 16.07
CA SER A 185 33.79 0.93 17.07
C SER A 185 32.51 1.71 17.34
N GLN A 186 32.62 3.04 17.43
CA GLN A 186 31.47 3.86 17.75
C GLN A 186 30.47 3.87 16.59
N ARG A 187 30.96 4.05 15.36
CA ARG A 187 30.09 3.97 14.20
C ARG A 187 29.34 2.64 14.17
N ILE A 188 30.03 1.54 14.51
CA ILE A 188 29.37 0.23 14.43
C ILE A 188 28.25 0.13 15.47
N VAL A 189 28.51 0.59 16.69
CA VAL A 189 27.48 0.47 17.71
C VAL A 189 26.30 1.39 17.39
N LYS A 190 26.56 2.59 16.87
CA LYS A 190 25.43 3.45 16.48
C LYS A 190 24.63 2.81 15.35
N GLN A 191 25.31 2.12 14.43
CA GLN A 191 24.59 1.33 13.43
C GLN A 191 23.71 0.28 14.08
N ALA A 192 24.28 -0.52 15.00
CA ALA A 192 23.50 -1.56 15.68
C ALA A 192 22.38 -1.00 16.56
N MET A 193 22.49 0.26 16.99
CA MET A 193 21.45 0.89 17.80
C MET A 193 20.23 1.33 17.00
N LEU A 194 20.34 1.35 15.67
CA LEU A 194 19.23 1.77 14.80
C LEU A 194 17.96 1.03 15.16
N THR A 195 16.90 1.77 15.29
CA THR A 195 15.64 1.23 15.78
C THR A 195 14.49 1.58 14.87
N GLU A 196 14.49 2.78 14.32
CA GLU A 196 13.41 3.26 13.49
C GLU A 196 13.92 4.42 12.64
N ALA A 197 13.53 4.44 11.37
CA ALA A 197 13.87 5.57 10.52
C ALA A 197 12.78 5.73 9.47
N ASN A 198 12.44 6.98 9.18
CA ASN A 198 11.46 7.32 8.15
C ASN A 198 11.89 8.67 7.57
N GLY A 199 11.01 9.28 6.77
CA GLY A 199 11.31 10.58 6.21
C GLY A 199 11.36 11.72 7.21
N ASP A 200 10.99 11.47 8.47
CA ASP A 200 10.95 12.54 9.46
C ASP A 200 11.99 12.43 10.56
N TYR A 201 12.43 11.22 10.91
CA TYR A 201 13.43 11.11 11.97
C TYR A 201 14.10 9.75 11.92
N ILE A 202 15.22 9.68 12.62
CA ILE A 202 15.93 8.44 12.90
C ILE A 202 16.01 8.28 14.42
N ILE A 203 15.71 7.09 14.93
CA ILE A 203 15.87 6.79 16.35
C ILE A 203 16.92 5.71 16.50
N ARG A 204 17.98 6.03 17.24
CA ARG A 204 18.97 5.06 17.68
C ARG A 204 18.82 4.94 19.20
N ALA A 205 18.56 3.74 19.69
CA ALA A 205 18.21 3.58 21.09
C ALA A 205 18.38 2.13 21.51
N LYS A 206 18.34 1.91 22.82
CA LYS A 206 18.37 0.57 23.38
C LYS A 206 17.39 0.46 24.53
N THR A 207 16.60 -0.61 24.51
CA THR A 207 15.67 -0.93 25.59
C THR A 207 16.40 -1.67 26.72
N GLY A 208 15.73 -1.73 27.88
CA GLY A 208 16.24 -2.48 29.01
C GLY A 208 15.12 -2.83 29.98
N TYR A 209 15.29 -3.94 30.68
CA TYR A 209 14.29 -4.42 31.64
C TYR A 209 15.04 -5.05 32.80
N SER A 210 15.13 -4.34 33.92
CA SER A 210 15.85 -4.81 35.09
C SER A 210 14.88 -5.54 36.00
N THR A 211 15.02 -6.87 36.11
CA THR A 211 14.14 -7.70 36.93
C THR A 211 14.83 -8.43 38.08
N ARG A 212 16.15 -8.57 38.06
CA ARG A 212 16.80 -9.46 39.02
C ARG A 212 16.82 -8.89 40.44
N ILE A 213 16.89 -7.56 40.56
CA ILE A 213 16.94 -6.87 41.85
C ILE A 213 15.89 -5.77 41.82
N GLU A 214 15.20 -5.58 42.94
CA GLU A 214 14.20 -4.53 43.05
C GLU A 214 14.88 -3.15 43.05
N PRO A 215 14.18 -2.10 42.61
CA PRO A 215 12.84 -2.16 41.99
C PRO A 215 12.92 -2.59 40.51
N LYS A 216 11.89 -3.28 40.04
CA LYS A 216 11.86 -3.70 38.64
C LYS A 216 11.53 -2.49 37.77
N ILE A 217 12.47 -2.10 36.91
CA ILE A 217 12.27 -0.94 36.04
C ILE A 217 12.51 -1.32 34.58
N GLY A 218 11.89 -0.57 33.69
CA GLY A 218 12.16 -0.65 32.26
C GLY A 218 12.87 0.61 31.82
N TRP A 219 13.79 0.47 30.87
CA TRP A 219 14.60 1.57 30.34
C TRP A 219 14.32 1.75 28.85
N TRP A 220 14.45 2.99 28.38
CA TRP A 220 14.66 3.28 26.96
C TRP A 220 15.54 4.49 26.84
N VAL A 221 16.72 4.31 26.25
CA VAL A 221 17.69 5.40 26.14
C VAL A 221 18.16 5.47 24.71
N GLY A 222 18.46 6.67 24.26
CA GLY A 222 18.98 6.82 22.91
C GLY A 222 18.78 8.22 22.40
N TRP A 223 18.51 8.38 21.10
CA TRP A 223 18.34 9.73 20.61
C TRP A 223 17.55 9.75 19.31
N VAL A 224 17.05 10.94 18.99
CA VAL A 224 16.24 11.18 17.80
C VAL A 224 17.02 12.12 16.90
N GLU A 225 17.35 11.66 15.70
CA GLU A 225 18.05 12.49 14.72
C GLU A 225 17.02 13.18 13.83
N LEU A 226 17.08 14.49 13.78
CA LEU A 226 16.31 15.32 12.87
C LEU A 226 17.26 15.92 11.84
N ASP A 227 16.67 16.59 10.84
CA ASP A 227 17.47 17.24 9.80
C ASP A 227 18.54 18.16 10.37
N ASP A 228 18.23 18.95 11.41
CA ASP A 228 19.21 19.94 11.88
C ASP A 228 19.32 19.95 13.40
N ASN A 229 19.05 18.83 14.05
CA ASN A 229 19.19 18.78 15.50
C ASN A 229 19.17 17.33 15.89
N VAL A 230 19.58 17.07 17.13
CA VAL A 230 19.49 15.75 17.75
C VAL A 230 18.88 15.94 19.12
N TRP A 231 17.84 15.16 19.43
CA TRP A 231 17.26 15.11 20.75
C TRP A 231 17.69 13.81 21.40
N PHE A 232 18.46 13.91 22.48
CA PHE A 232 18.78 12.73 23.27
C PHE A 232 17.67 12.47 24.28
N PHE A 233 17.43 11.19 24.57
CA PHE A 233 16.44 10.84 25.58
C PHE A 233 16.91 9.68 26.45
N ALA A 234 16.46 9.71 27.70
CA ALA A 234 16.62 8.59 28.60
C ALA A 234 15.39 8.54 29.47
N MET A 235 14.74 7.38 29.51
CA MET A 235 13.59 7.21 30.38
C MET A 235 13.71 5.90 31.11
N ASN A 236 13.18 5.88 32.34
CA ASN A 236 12.91 4.61 33.00
C ASN A 236 11.58 4.73 33.72
N MET A 237 11.01 3.59 34.07
CA MET A 237 9.68 3.55 34.66
C MET A 237 9.53 2.29 35.47
N ASP A 238 8.77 2.39 36.56
CA ASP A 238 8.43 1.19 37.33
C ASP A 238 7.76 0.19 36.41
N MET A 239 8.16 -1.08 36.51
CA MET A 239 7.71 -2.12 35.58
C MET A 239 7.47 -3.41 36.36
N PRO A 240 6.36 -3.48 37.10
CA PRO A 240 6.15 -4.66 37.98
C PRO A 240 5.95 -5.95 37.20
N THR A 241 5.46 -5.89 35.96
CA THR A 241 5.40 -7.07 35.10
C THR A 241 5.70 -6.65 33.67
N SER A 242 6.00 -7.65 32.83
CA SER A 242 6.35 -7.42 31.45
C SER A 242 5.18 -6.98 30.59
N ASP A 243 3.95 -7.01 31.11
CA ASP A 243 2.79 -6.64 30.30
C ASP A 243 2.84 -5.17 29.88
N GLY A 244 3.57 -4.33 30.62
CA GLY A 244 3.67 -2.92 30.30
C GLY A 244 4.92 -2.49 29.58
N LEU A 245 5.73 -3.42 29.06
CA LEU A 245 7.01 -3.07 28.45
C LEU A 245 6.84 -2.11 27.29
N GLY A 246 5.76 -2.26 26.51
CA GLY A 246 5.51 -1.38 25.38
C GLY A 246 5.36 0.08 25.78
N LEU A 247 5.08 0.35 27.06
CA LEU A 247 4.92 1.72 27.52
C LEU A 247 6.23 2.48 27.51
N ARG A 248 7.38 1.78 27.59
CA ARG A 248 8.67 2.48 27.54
C ARG A 248 8.74 3.35 26.30
N GLN A 249 8.43 2.78 25.13
CA GLN A 249 8.44 3.52 23.88
C GLN A 249 7.23 4.41 23.74
N ALA A 250 6.05 3.92 24.11
CA ALA A 250 4.83 4.71 23.90
C ALA A 250 4.87 6.01 24.69
N ILE A 251 5.24 5.95 25.97
CA ILE A 251 5.27 7.16 26.78
C ILE A 251 6.30 8.14 26.24
N THR A 252 7.50 7.64 25.92
CA THR A 252 8.52 8.50 25.35
C THR A 252 8.02 9.18 24.07
N LYS A 253 7.36 8.43 23.19
CA LYS A 253 6.87 9.03 21.95
C LYS A 253 5.77 10.05 22.20
N GLU A 254 4.91 9.81 23.20
CA GLU A 254 3.93 10.81 23.59
C GLU A 254 4.62 12.11 24.01
N VAL A 255 5.73 12.01 24.73
CA VAL A 255 6.46 13.20 25.12
C VAL A 255 7.10 13.84 23.89
N LEU A 256 7.67 13.02 23.00
CA LEU A 256 8.27 13.56 21.79
C LEU A 256 7.24 14.25 20.93
N LYS A 257 6.04 13.67 20.81
CA LYS A 257 4.98 14.31 20.05
C LYS A 257 4.54 15.62 20.71
N GLN A 258 4.33 15.59 22.03
CA GLN A 258 3.90 16.79 22.73
C GLN A 258 4.86 17.97 22.48
N GLU A 259 6.17 17.72 22.55
CA GLU A 259 7.19 18.73 22.30
C GLU A 259 7.43 18.99 20.80
N LYS A 260 6.62 18.42 19.91
CA LYS A 260 6.74 18.65 18.47
C LYS A 260 8.08 18.18 17.91
N ILE A 261 8.70 17.18 18.52
CA ILE A 261 9.96 16.66 18.03
C ILE A 261 9.73 15.63 16.92
N ILE A 262 8.71 14.79 17.06
CA ILE A 262 8.32 13.89 15.99
C ILE A 262 6.88 14.23 15.65
N PRO A 263 6.43 14.02 14.40
CA PRO A 263 5.05 14.35 14.01
C PRO A 263 4.02 13.50 14.77
N LEU B 18 11.96 -24.28 -8.39
CA LEU B 18 13.27 -24.61 -8.97
C LEU B 18 14.40 -24.05 -8.10
N TYR B 19 15.63 -24.45 -8.41
CA TYR B 19 16.84 -23.83 -7.87
C TYR B 19 17.76 -23.48 -9.04
N PHE B 20 18.48 -22.37 -8.91
CA PHE B 20 19.25 -21.88 -10.05
C PHE B 20 20.43 -21.03 -9.57
N GLN B 21 21.35 -20.77 -10.49
CA GLN B 21 22.63 -20.16 -10.20
C GLN B 21 22.62 -18.65 -10.46
N GLY B 22 22.04 -18.21 -11.57
CA GLY B 22 22.09 -16.79 -11.91
C GLY B 22 20.78 -16.03 -11.83
N TRP B 23 20.05 -15.94 -12.95
CA TRP B 23 18.88 -15.08 -13.06
C TRP B 23 17.64 -15.87 -13.45
N GLN B 24 16.50 -15.32 -13.06
CA GLN B 24 15.18 -15.84 -13.38
C GLN B 24 14.31 -14.67 -13.79
N GLU B 25 13.71 -14.76 -14.95
CA GLU B 25 12.81 -13.73 -15.44
C GLU B 25 11.38 -14.14 -15.11
N ASN B 26 10.73 -13.37 -14.25
CA ASN B 26 9.33 -13.61 -13.90
C ASN B 26 8.52 -12.43 -14.43
N LYS B 27 7.89 -12.60 -15.58
CA LYS B 27 7.15 -11.48 -16.14
C LYS B 27 5.84 -11.22 -15.41
N SER B 28 5.58 -11.96 -14.33
CA SER B 28 4.40 -11.71 -13.52
C SER B 28 4.48 -10.37 -12.79
N TRP B 29 5.68 -9.86 -12.52
CA TRP B 29 5.79 -8.56 -11.86
C TRP B 29 5.32 -7.42 -12.77
N ASN B 30 5.25 -7.67 -14.08
CA ASN B 30 4.82 -6.63 -15.02
C ASN B 30 3.43 -6.09 -14.68
N ALA B 31 2.64 -6.86 -13.92
CA ALA B 31 1.33 -6.39 -13.50
C ALA B 31 1.43 -5.19 -12.57
N HIS B 32 2.46 -5.16 -11.72
CA HIS B 32 2.62 -4.01 -10.82
C HIS B 32 2.92 -2.74 -11.58
N PHE B 33 3.57 -2.85 -12.75
CA PHE B 33 3.78 -1.66 -13.57
C PHE B 33 2.52 -1.31 -14.36
N THR B 34 1.97 -2.29 -15.10
CA THR B 34 0.88 -2.00 -16.01
C THR B 34 -0.39 -1.60 -15.29
N GLU B 35 -0.60 -2.11 -14.07
CA GLU B 35 -1.80 -1.66 -13.36
C GLU B 35 -1.65 -0.25 -12.83
N HIS B 36 -0.51 0.40 -13.06
CA HIS B 36 -0.36 1.83 -12.88
C HIS B 36 -0.14 2.54 -14.21
N LYS B 37 -0.40 1.86 -15.33
CA LYS B 37 -0.17 2.40 -16.67
C LYS B 37 1.28 2.84 -16.86
N SER B 38 2.19 2.05 -16.30
CA SER B 38 3.61 2.34 -16.32
C SER B 38 4.37 1.18 -16.96
N GLN B 39 5.65 1.41 -17.22
CA GLN B 39 6.55 0.38 -17.70
C GLN B 39 7.87 0.55 -16.97
N GLY B 40 8.53 -0.56 -16.70
CA GLY B 40 9.85 -0.48 -16.11
C GLY B 40 10.40 -1.84 -15.80
N VAL B 41 11.46 -1.86 -15.00
CA VAL B 41 12.12 -3.08 -14.58
C VAL B 41 12.38 -3.02 -13.07
N VAL B 42 12.18 -4.13 -12.40
CA VAL B 42 12.67 -4.34 -11.04
C VAL B 42 13.68 -5.46 -11.09
N VAL B 43 14.83 -5.26 -10.46
CA VAL B 43 15.85 -6.29 -10.32
C VAL B 43 16.07 -6.53 -8.84
N LEU B 44 15.94 -7.79 -8.41
CA LEU B 44 16.26 -8.20 -7.03
C LEU B 44 17.44 -9.17 -7.04
N TRP B 45 18.26 -9.08 -6.00
CA TRP B 45 19.34 -10.03 -5.80
C TRP B 45 19.30 -10.55 -4.37
N ASN B 46 19.15 -11.87 -4.23
CA ASN B 46 19.21 -12.57 -2.95
C ASN B 46 20.67 -12.89 -2.65
N GLU B 47 21.23 -12.22 -1.65
CA GLU B 47 22.68 -12.36 -1.42
C GLU B 47 23.03 -13.76 -0.93
N ASN B 48 22.22 -14.32 -0.03
CA ASN B 48 22.51 -15.63 0.53
C ASN B 48 22.57 -16.70 -0.56
N LYS B 49 21.56 -16.74 -1.41
CA LYS B 49 21.44 -17.76 -2.44
C LYS B 49 22.14 -17.39 -3.75
N GLN B 50 22.67 -16.18 -3.87
CA GLN B 50 23.26 -15.70 -5.11
C GLN B 50 22.31 -15.92 -6.28
N GLN B 51 21.05 -15.52 -6.09
CA GLN B 51 20.03 -15.66 -7.12
C GLN B 51 19.44 -14.30 -7.44
N GLY B 52 19.31 -13.99 -8.72
CA GLY B 52 18.75 -12.74 -9.19
C GLY B 52 17.38 -12.95 -9.78
N PHE B 53 16.53 -11.93 -9.67
CA PHE B 53 15.17 -12.01 -10.20
C PHE B 53 14.83 -10.70 -10.89
N THR B 54 14.20 -10.78 -12.06
CA THR B 54 13.74 -9.56 -12.70
C THR B 54 12.50 -9.85 -13.51
N ASN B 55 11.73 -8.80 -13.77
CA ASN B 55 10.62 -8.97 -14.70
C ASN B 55 11.02 -8.78 -16.16
N ASN B 56 12.25 -8.34 -16.44
CA ASN B 56 12.60 -7.90 -17.80
C ASN B 56 14.12 -7.95 -17.93
N LEU B 57 14.63 -9.10 -18.41
CA LEU B 57 16.07 -9.30 -18.47
C LEU B 57 16.73 -8.31 -19.40
N LYS B 58 16.04 -7.91 -20.47
CA LYS B 58 16.65 -6.96 -21.39
C LYS B 58 16.78 -5.60 -20.75
N ARG B 59 15.66 -5.05 -20.26
CA ARG B 59 15.72 -3.73 -19.65
C ARG B 59 16.62 -3.74 -18.42
N ALA B 60 16.70 -4.86 -17.69
CA ALA B 60 17.60 -4.94 -16.54
C ALA B 60 19.04 -4.68 -16.95
N ASN B 61 19.37 -4.89 -18.22
CA ASN B 61 20.73 -4.73 -18.69
C ASN B 61 20.90 -3.54 -19.63
N GLN B 62 19.88 -2.68 -19.74
CA GLN B 62 20.00 -1.45 -20.52
C GLN B 62 20.49 -0.33 -19.62
N ALA B 63 21.48 0.41 -20.10
CA ALA B 63 22.08 1.47 -19.32
C ALA B 63 21.30 2.77 -19.51
N PHE B 64 21.11 3.51 -18.41
CA PHE B 64 20.48 4.83 -18.45
C PHE B 64 21.31 5.80 -17.64
N LEU B 65 21.01 7.08 -17.81
CA LEU B 65 21.64 8.10 -16.97
C LEU B 65 21.34 7.81 -15.50
N PRO B 66 22.35 7.80 -14.64
CA PRO B 66 22.11 7.47 -13.22
C PRO B 66 21.41 8.59 -12.44
N ALA B 67 21.48 9.82 -12.93
CA ALA B 67 20.88 11.00 -12.30
C ALA B 67 21.27 10.99 -10.81
N SER B 68 20.33 11.20 -9.90
CA SER B 68 20.70 11.38 -8.49
C SER B 68 21.21 10.10 -7.84
N THR B 69 21.05 8.92 -8.46
CA THR B 69 21.73 7.75 -7.89
C THR B 69 23.24 7.90 -7.96
N PHE B 70 23.74 8.82 -8.79
CA PHE B 70 25.17 9.07 -8.84
C PHE B 70 25.67 9.71 -7.55
N LYS B 71 24.77 10.23 -6.72
CA LYS B 71 25.20 10.77 -5.42
C LYS B 71 25.87 9.73 -4.54
N ILE B 72 25.60 8.43 -4.74
CA ILE B 72 26.26 7.39 -3.95
C ILE B 72 27.75 7.34 -4.27
N PRO B 73 28.19 7.08 -5.52
CA PRO B 73 29.65 7.07 -5.76
C PRO B 73 30.29 8.43 -5.54
N ASN B 74 29.57 9.50 -5.85
CA ASN B 74 30.07 10.85 -5.64
C ASN B 74 30.35 11.09 -4.15
N SER B 75 29.41 10.72 -3.27
CA SER B 75 29.64 10.84 -1.83
C SER B 75 30.87 10.05 -1.40
N LEU B 76 31.07 8.85 -1.98
CA LEU B 76 32.18 8.01 -1.56
C LEU B 76 33.51 8.66 -1.89
N ILE B 77 33.60 9.23 -3.09
CA ILE B 77 34.85 9.86 -3.52
C ILE B 77 35.12 11.13 -2.71
N ALA B 78 34.08 11.94 -2.52
CA ALA B 78 34.26 13.19 -1.77
C ALA B 78 34.78 12.89 -0.36
N LEU B 79 34.17 11.92 0.31
CA LEU B 79 34.63 11.53 1.64
C LEU B 79 36.07 11.03 1.60
N ASP B 80 36.38 10.17 0.62
CA ASP B 80 37.69 9.52 0.62
C ASP B 80 38.80 10.49 0.28
N LEU B 81 38.53 11.50 -0.54
CA LEU B 81 39.51 12.54 -0.82
C LEU B 81 39.47 13.68 0.19
N GLY B 82 38.65 13.59 1.23
CA GLY B 82 38.55 14.65 2.21
C GLY B 82 37.86 15.91 1.74
N VAL B 83 37.29 15.90 0.54
CA VAL B 83 36.43 17.00 0.12
C VAL B 83 35.29 17.18 1.11
N VAL B 84 34.79 16.08 1.67
CA VAL B 84 33.86 16.10 2.80
C VAL B 84 34.59 15.51 3.99
N LYS B 85 34.62 16.26 5.10
CA LYS B 85 35.31 15.78 6.29
C LYS B 85 34.54 14.64 6.95
N ASP B 86 33.23 14.82 7.12
CA ASP B 86 32.37 13.82 7.75
C ASP B 86 30.93 14.22 7.48
N GLU B 87 30.00 13.45 8.05
CA GLU B 87 28.58 13.61 7.76
C GLU B 87 27.93 14.79 8.49
N HIS B 88 28.70 15.54 9.28
CA HIS B 88 28.19 16.71 9.97
C HIS B 88 28.65 18.02 9.33
N GLN B 89 29.66 17.98 8.46
CA GLN B 89 30.15 19.20 7.82
C GLN B 89 29.04 19.88 7.05
N VAL B 90 28.95 21.20 7.22
CA VAL B 90 27.85 22.00 6.68
C VAL B 90 28.30 22.62 5.37
N PHE B 91 27.44 22.55 4.37
CA PHE B 91 27.71 23.15 3.08
C PHE B 91 26.68 24.26 2.93
N LYS B 92 27.16 25.50 2.92
CA LYS B 92 26.27 26.63 3.03
C LYS B 92 25.53 26.84 1.72
N TRP B 93 24.23 27.09 1.82
CA TRP B 93 23.45 27.49 0.66
C TRP B 93 24.08 28.75 0.06
N ASP B 94 24.07 28.83 -1.26
CA ASP B 94 24.65 29.98 -1.95
C ASP B 94 23.67 31.15 -2.08
N GLY B 95 22.48 31.06 -1.47
CA GLY B 95 21.54 32.16 -1.52
C GLY B 95 20.83 32.30 -2.85
N GLN B 96 21.06 31.41 -3.79
CA GLN B 96 20.33 31.42 -5.04
C GLN B 96 19.16 30.44 -4.92
N THR B 97 17.95 30.96 -5.08
CA THR B 97 16.74 30.15 -4.98
C THR B 97 16.60 29.27 -6.22
N ARG B 98 16.42 27.95 -6.01
CA ARG B 98 16.14 27.00 -7.08
C ARG B 98 14.74 26.42 -6.88
N ASP B 99 14.35 25.58 -7.85
CA ASP B 99 12.98 25.08 -7.96
C ASP B 99 12.59 24.17 -6.81
N ILE B 100 13.53 23.42 -6.24
CA ILE B 100 13.25 22.49 -5.14
C ILE B 100 13.43 23.24 -3.83
N ALA B 101 12.33 23.43 -3.09
CA ALA B 101 12.38 24.30 -1.91
C ALA B 101 13.42 23.82 -0.89
N THR B 102 13.54 22.50 -0.71
CA THR B 102 14.45 21.94 0.28
C THR B 102 15.92 22.16 -0.06
N TRP B 103 16.23 22.53 -1.31
CA TRP B 103 17.59 22.84 -1.72
C TRP B 103 18.05 24.20 -1.22
N ASN B 104 17.12 25.09 -0.91
CA ASN B 104 17.47 26.48 -0.61
C ASN B 104 17.70 26.67 0.89
N ARG B 105 18.59 25.85 1.44
CA ARG B 105 18.97 25.87 2.84
C ARG B 105 20.36 25.26 2.95
N ASP B 106 20.91 25.33 4.15
CA ASP B 106 22.17 24.67 4.46
C ASP B 106 21.96 23.16 4.52
N HIS B 107 23.04 22.42 4.30
CA HIS B 107 22.93 20.97 4.30
C HIS B 107 24.19 20.37 4.87
N ASN B 108 24.07 19.13 5.34
CA ASN B 108 25.23 18.27 5.53
C ASN B 108 25.09 17.07 4.57
N LEU B 109 26.00 16.11 4.70
CA LEU B 109 25.94 14.96 3.81
C LEU B 109 24.61 14.23 3.92
N ILE B 110 24.10 14.08 5.15
CA ILE B 110 22.90 13.30 5.37
C ILE B 110 21.69 13.96 4.71
N THR B 111 21.53 15.27 4.91
CA THR B 111 20.36 15.93 4.31
C THR B 111 20.56 16.13 2.81
N ALA B 112 21.80 16.30 2.35
CA ALA B 112 22.02 16.50 0.93
C ALA B 112 21.69 15.23 0.13
N MET B 113 21.93 14.05 0.73
CA MET B 113 21.44 12.82 0.14
C MET B 113 19.91 12.74 0.21
N LYS B 114 19.36 12.99 1.40
CA LYS B 114 17.92 12.86 1.61
C LYS B 114 17.12 13.67 0.60
N TYR B 115 17.57 14.90 0.33
CA TYR B 115 16.83 15.81 -0.53
C TYR B 115 17.41 15.89 -1.93
N SER B 116 18.45 15.11 -2.23
CA SER B 116 19.07 15.04 -3.53
C SER B 116 19.56 16.42 -3.99
N VAL B 117 20.32 17.09 -3.12
CA VAL B 117 20.67 18.48 -3.36
C VAL B 117 21.78 18.57 -4.40
N VAL B 118 21.38 18.72 -5.66
CA VAL B 118 22.33 18.73 -6.78
C VAL B 118 23.45 19.75 -6.60
N PRO B 119 23.17 21.03 -6.27
CA PRO B 119 24.28 22.01 -6.19
C PRO B 119 25.32 21.70 -5.15
N VAL B 120 24.96 21.05 -4.05
CA VAL B 120 25.97 20.55 -3.12
C VAL B 120 26.88 19.54 -3.81
N TYR B 121 26.27 18.58 -4.52
CA TYR B 121 27.10 17.56 -5.17
C TYR B 121 27.84 18.11 -6.38
N GLN B 122 27.30 19.14 -7.04
CA GLN B 122 28.05 19.77 -8.13
C GLN B 122 29.32 20.42 -7.60
N GLU B 123 29.24 21.04 -6.42
CA GLU B 123 30.43 21.60 -5.78
C GLU B 123 31.36 20.50 -5.31
N PHE B 124 30.81 19.39 -4.80
CA PHE B 124 31.64 18.21 -4.54
C PHE B 124 32.43 17.83 -5.78
N ALA B 125 31.74 17.73 -6.93
CA ALA B 125 32.36 17.25 -8.16
C ALA B 125 33.46 18.20 -8.63
N ARG B 126 33.22 19.51 -8.51
CA ARG B 126 34.23 20.47 -8.91
C ARG B 126 35.52 20.31 -8.12
N GLN B 127 35.41 20.12 -6.80
CA GLN B 127 36.60 19.95 -5.96
C GLN B 127 37.28 18.61 -6.23
N ILE B 128 36.51 17.57 -6.55
CA ILE B 128 37.12 16.29 -6.92
C ILE B 128 37.93 16.45 -8.21
N GLY B 129 37.36 17.12 -9.20
CA GLY B 129 38.01 17.25 -10.50
C GLY B 129 37.76 16.06 -11.41
N GLU B 130 37.83 16.27 -12.72
CA GLU B 130 37.46 15.18 -13.63
C GLU B 130 38.52 14.07 -13.65
N ALA B 131 39.79 14.42 -13.47
CA ALA B 131 40.83 13.39 -13.43
C ALA B 131 40.56 12.39 -12.32
N ARG B 132 40.49 12.87 -11.07
CA ARG B 132 40.27 11.97 -9.94
C ARG B 132 38.89 11.32 -10.01
N MET B 133 37.89 12.05 -10.51
CA MET B 133 36.55 11.48 -10.63
C MET B 133 36.55 10.27 -11.55
N SER B 134 37.11 10.42 -12.76
CA SER B 134 37.12 9.32 -13.72
C SER B 134 37.96 8.16 -13.21
N LYS B 135 39.12 8.45 -12.61
CA LYS B 135 39.95 7.37 -12.09
C LYS B 135 39.21 6.59 -11.02
N MET B 136 38.53 7.28 -10.11
CA MET B 136 37.80 6.59 -9.05
C MET B 136 36.60 5.82 -9.59
N LEU B 137 35.91 6.38 -10.58
CA LEU B 137 34.81 5.64 -11.20
C LEU B 137 35.31 4.39 -11.91
N HIS B 138 36.54 4.42 -12.44
CA HIS B 138 37.11 3.20 -13.02
C HIS B 138 37.45 2.19 -11.92
N ALA B 139 38.07 2.68 -10.83
CA ALA B 139 38.36 1.81 -9.69
C ALA B 139 37.09 1.13 -9.18
N PHE B 140 35.95 1.82 -9.25
CA PHE B 140 34.65 1.28 -8.87
C PHE B 140 34.05 0.36 -9.92
N ASP B 141 34.61 0.29 -11.12
CA ASP B 141 33.96 -0.39 -12.24
C ASP B 141 32.52 0.11 -12.42
N TYR B 142 32.34 1.43 -12.34
CA TYR B 142 31.02 2.05 -12.26
C TYR B 142 30.59 2.51 -13.64
N GLY B 143 29.50 1.95 -14.15
CA GLY B 143 28.94 2.51 -15.35
C GLY B 143 29.75 2.14 -16.56
N ASN B 144 29.97 3.06 -17.50
CA ASN B 144 30.37 2.71 -18.85
C ASN B 144 31.72 3.25 -19.27
N GLU B 145 32.62 3.57 -18.33
CA GLU B 145 33.98 4.03 -18.68
C GLU B 145 33.94 5.29 -19.54
N ASP B 146 33.10 6.25 -19.15
CA ASP B 146 32.90 7.47 -19.95
C ASP B 146 32.31 8.56 -19.05
N ILE B 147 33.04 9.66 -18.90
CA ILE B 147 32.61 10.79 -18.10
C ILE B 147 32.33 12.02 -18.98
N SER B 148 32.36 11.82 -20.29
CA SER B 148 32.24 12.92 -21.23
C SER B 148 31.17 13.89 -20.81
N GLY B 149 31.42 15.18 -21.03
CA GLY B 149 30.48 16.23 -20.65
C GLY B 149 30.87 17.11 -19.49
N ASN B 150 32.17 17.27 -19.26
CA ASN B 150 32.77 18.03 -18.17
C ASN B 150 32.61 17.38 -16.81
N VAL B 151 32.43 18.14 -15.74
CA VAL B 151 32.39 17.56 -14.40
C VAL B 151 31.17 17.80 -13.50
N ASP B 152 30.55 18.96 -13.54
CA ASP B 152 29.51 19.20 -12.62
C ASP B 152 28.18 18.75 -13.21
N SER B 153 28.19 18.10 -14.37
CA SER B 153 26.91 17.63 -14.92
C SER B 153 26.92 16.40 -15.84
N PHE B 154 28.03 15.74 -15.97
CA PHE B 154 28.03 14.58 -16.86
C PHE B 154 27.05 13.49 -16.42
N TRP B 155 26.65 13.46 -15.14
CA TRP B 155 25.71 12.43 -14.70
C TRP B 155 24.25 12.80 -14.95
N LEU B 156 23.98 14.05 -15.33
CA LEU B 156 22.64 14.54 -15.63
C LEU B 156 22.34 14.54 -17.13
N ASP B 157 23.26 15.05 -17.95
CA ASP B 157 23.02 15.08 -19.39
C ASP B 157 24.25 14.66 -20.19
N GLY B 158 25.23 14.04 -19.56
CA GLY B 158 26.48 13.64 -20.18
C GLY B 158 26.49 12.21 -20.66
N GLY B 159 27.68 11.60 -20.60
CA GLY B 159 27.86 10.31 -21.22
C GLY B 159 27.91 9.12 -20.28
N ILE B 160 27.89 9.36 -18.96
CA ILE B 160 27.94 8.25 -18.01
C ILE B 160 26.58 7.56 -17.96
N ARG B 161 26.60 6.23 -18.03
CA ARG B 161 25.37 5.43 -18.07
C ARG B 161 25.58 4.17 -17.24
N ILE B 162 24.48 3.61 -16.76
CA ILE B 162 24.56 2.43 -15.91
C ILE B 162 23.22 1.71 -15.97
N SER B 163 23.27 0.37 -15.94
CA SER B 163 22.08 -0.46 -15.90
C SER B 163 21.74 -0.86 -14.47
N ALA B 164 20.51 -1.33 -14.30
CA ALA B 164 20.06 -1.82 -13.00
C ALA B 164 20.98 -2.92 -12.48
N THR B 165 21.36 -3.89 -13.34
CA THR B 165 22.23 -4.97 -12.87
C THR B 165 23.60 -4.44 -12.48
N GLU B 166 24.12 -3.45 -13.23
CA GLU B 166 25.39 -2.86 -12.86
C GLU B 166 25.26 -2.05 -11.57
N GLN B 167 24.06 -1.51 -11.30
CA GLN B 167 23.85 -0.83 -10.04
C GLN B 167 23.95 -1.83 -8.89
N ILE B 168 23.38 -3.03 -9.08
CA ILE B 168 23.40 -4.03 -8.02
C ILE B 168 24.82 -4.50 -7.76
N SER B 169 25.60 -4.71 -8.82
CA SER B 169 27.00 -5.09 -8.62
C SER B 169 27.75 -4.03 -7.82
N PHE B 170 27.55 -2.76 -8.19
CA PHE B 170 28.20 -1.68 -7.45
C PHE B 170 27.78 -1.68 -5.99
N LEU B 171 26.47 -1.80 -5.74
CA LEU B 171 25.97 -1.74 -4.36
C LEU B 171 26.45 -2.93 -3.54
N ARG B 172 26.55 -4.12 -4.16
CA ARG B 172 27.05 -5.28 -3.42
C ARG B 172 28.49 -5.06 -2.97
N LYS B 173 29.32 -4.42 -3.80
CA LYS B 173 30.64 -4.08 -3.30
C LYS B 173 30.56 -3.10 -2.13
N LEU B 174 29.65 -2.13 -2.20
CA LEU B 174 29.52 -1.15 -1.13
C LEU B 174 29.10 -1.82 0.16
N TYR B 175 28.11 -2.72 0.09
CA TYR B 175 27.62 -3.40 1.28
C TYR B 175 28.76 -4.14 1.99
N HIS B 176 29.60 -4.85 1.23
CA HIS B 176 30.68 -5.65 1.80
C HIS B 176 31.96 -4.86 2.03
N ASN B 177 31.91 -3.53 1.90
CA ASN B 177 33.07 -2.68 2.13
C ASN B 177 34.23 -3.02 1.20
N LYS B 178 33.92 -3.49 -0.01
CA LYS B 178 34.94 -3.94 -0.94
C LYS B 178 35.26 -2.93 -2.03
N LEU B 179 34.60 -1.77 -2.06
CA LEU B 179 34.98 -0.75 -3.02
C LEU B 179 36.35 -0.16 -2.64
N HIS B 180 37.03 0.40 -3.63
CA HIS B 180 38.42 0.81 -3.44
C HIS B 180 38.51 2.18 -2.78
N VAL B 181 37.80 2.35 -1.66
CA VAL B 181 37.97 3.50 -0.78
C VAL B 181 37.98 2.99 0.65
N SER B 182 38.23 3.90 1.60
CA SER B 182 38.35 3.49 2.99
C SER B 182 37.05 2.84 3.46
N GLU B 183 37.19 1.90 4.40
CA GLU B 183 36.02 1.38 5.09
C GLU B 183 35.18 2.52 5.69
N ARG B 184 35.85 3.54 6.22
CA ARG B 184 35.14 4.67 6.84
C ARG B 184 34.23 5.36 5.84
N SER B 185 34.72 5.64 4.62
CA SER B 185 33.90 6.33 3.64
C SER B 185 32.68 5.51 3.27
N GLN B 186 32.84 4.19 3.17
CA GLN B 186 31.72 3.32 2.85
C GLN B 186 30.71 3.27 3.98
N ARG B 187 31.18 3.12 5.22
CA ARG B 187 30.28 3.16 6.37
C ARG B 187 29.49 4.46 6.40
N ILE B 188 30.14 5.58 6.13
CA ILE B 188 29.44 6.87 6.23
C ILE B 188 28.38 6.99 5.15
N VAL B 189 28.70 6.57 3.91
CA VAL B 189 27.72 6.65 2.83
C VAL B 189 26.56 5.70 3.10
N LYS B 190 26.84 4.48 3.55
CA LYS B 190 25.77 3.56 3.92
C LYS B 190 24.86 4.18 4.99
N GLN B 191 25.46 4.86 5.99
CA GLN B 191 24.64 5.59 6.95
C GLN B 191 23.79 6.65 6.27
N ALA B 192 24.39 7.45 5.38
CA ALA B 192 23.62 8.47 4.68
C ALA B 192 22.55 7.90 3.77
N MET B 193 22.71 6.65 3.31
CA MET B 193 21.71 6.04 2.43
C MET B 193 20.47 5.57 3.18
N LEU B 194 20.54 5.51 4.51
CA LEU B 194 19.43 5.03 5.31
C LEU B 194 18.15 5.74 4.94
N THR B 195 17.12 4.97 4.67
CA THR B 195 15.86 5.52 4.17
C THR B 195 14.68 5.13 5.03
N GLU B 196 14.63 3.89 5.51
CA GLU B 196 13.54 3.41 6.33
C GLU B 196 14.08 2.29 7.21
N ALA B 197 13.59 2.23 8.44
CA ALA B 197 13.92 1.14 9.34
C ALA B 197 12.78 0.92 10.31
N ASN B 198 12.51 -0.34 10.61
CA ASN B 198 11.53 -0.75 11.60
C ASN B 198 11.97 -2.10 12.15
N GLY B 199 11.07 -2.79 12.84
CA GLY B 199 11.39 -4.09 13.39
C GLY B 199 11.42 -5.24 12.40
N ASP B 200 11.04 -5.00 11.14
CA ASP B 200 11.08 -6.04 10.13
C ASP B 200 12.22 -5.89 9.14
N TYR B 201 12.61 -4.67 8.79
CA TYR B 201 13.62 -4.49 7.76
C TYR B 201 14.26 -3.12 7.87
N ILE B 202 15.43 -3.00 7.24
CA ILE B 202 16.13 -1.73 7.06
C ILE B 202 16.31 -1.54 5.56
N ILE B 203 15.98 -0.35 5.06
CA ILE B 203 16.20 -0.03 3.65
C ILE B 203 17.22 1.10 3.58
N ARG B 204 18.33 0.83 2.91
CA ARG B 204 19.30 1.83 2.49
C ARG B 204 19.20 1.96 0.97
N ALA B 205 19.01 3.18 0.47
CA ALA B 205 18.69 3.35 -0.95
C ALA B 205 18.90 4.79 -1.37
N LYS B 206 18.85 4.99 -2.68
CA LYS B 206 18.89 6.32 -3.28
C LYS B 206 17.92 6.39 -4.45
N THR B 207 17.11 7.44 -4.50
CA THR B 207 16.18 7.70 -5.60
C THR B 207 16.89 8.44 -6.72
N GLY B 208 16.29 8.39 -7.91
CA GLY B 208 16.81 9.08 -9.07
C GLY B 208 15.69 9.50 -10.00
N TYR B 209 15.92 10.58 -10.75
CA TYR B 209 14.95 11.05 -11.74
C TYR B 209 15.74 11.68 -12.89
N SER B 210 15.90 10.94 -13.97
CA SER B 210 16.61 11.43 -15.15
C SER B 210 15.60 12.09 -16.08
N THR B 211 15.83 13.37 -16.38
CA THR B 211 14.89 14.14 -17.19
C THR B 211 15.51 14.82 -18.40
N ARG B 212 16.83 14.92 -18.50
CA ARG B 212 17.45 15.79 -19.49
C ARG B 212 17.48 15.18 -20.88
N ILE B 213 17.29 13.87 -20.98
CA ILE B 213 17.28 13.14 -22.24
C ILE B 213 16.25 12.04 -22.11
N GLU B 214 15.48 11.82 -23.18
CA GLU B 214 14.52 10.72 -23.19
C GLU B 214 15.23 9.37 -23.21
N PRO B 215 14.63 8.34 -22.61
CA PRO B 215 13.34 8.42 -21.91
C PRO B 215 13.51 8.96 -20.48
N LYS B 216 12.59 9.81 -20.05
CA LYS B 216 12.59 10.26 -18.67
C LYS B 216 12.28 9.06 -17.78
N ILE B 217 13.20 8.72 -16.87
CA ILE B 217 12.98 7.57 -16.00
C ILE B 217 13.17 7.94 -14.53
N GLY B 218 12.48 7.23 -13.66
CA GLY B 218 12.74 7.26 -12.23
C GLY B 218 13.53 6.03 -11.80
N TRP B 219 14.46 6.23 -10.86
CA TRP B 219 15.32 5.20 -10.31
C TRP B 219 14.98 4.99 -8.84
N TRP B 220 15.15 3.76 -8.36
CA TRP B 220 15.32 3.50 -6.92
C TRP B 220 16.25 2.30 -6.78
N VAL B 221 17.44 2.53 -6.23
CA VAL B 221 18.44 1.47 -6.06
C VAL B 221 18.86 1.42 -4.59
N GLY B 222 19.12 0.21 -4.10
CA GLY B 222 19.60 0.03 -2.74
C GLY B 222 19.51 -1.43 -2.31
N TRP B 223 19.28 -1.63 -1.01
CA TRP B 223 19.04 -2.97 -0.52
C TRP B 223 18.13 -2.93 0.71
N VAL B 224 17.61 -4.11 1.02
CA VAL B 224 16.74 -4.35 2.17
C VAL B 224 17.49 -5.31 3.10
N GLU B 225 17.84 -4.83 4.30
CA GLU B 225 18.55 -5.66 5.28
C GLU B 225 17.52 -6.43 6.12
N LEU B 226 17.72 -7.73 6.22
CA LEU B 226 16.88 -8.60 7.04
C LEU B 226 17.71 -9.15 8.18
N ASP B 227 17.05 -9.83 9.12
CA ASP B 227 17.80 -10.49 10.19
C ASP B 227 18.91 -11.37 9.64
N ASP B 228 18.62 -12.16 8.59
CA ASP B 228 19.55 -13.20 8.17
C ASP B 228 19.78 -13.22 6.67
N ASN B 229 19.62 -12.09 5.99
CA ASN B 229 19.85 -12.02 4.55
C ASN B 229 19.86 -10.55 4.17
N VAL B 230 20.32 -10.27 2.94
CA VAL B 230 20.24 -8.96 2.32
C VAL B 230 19.71 -9.13 0.89
N TRP B 231 18.70 -8.33 0.53
CA TRP B 231 18.12 -8.30 -0.82
C TRP B 231 18.49 -6.97 -1.46
N PHE B 232 19.34 -7.02 -2.48
CA PHE B 232 19.62 -5.82 -3.27
C PHE B 232 18.53 -5.60 -4.29
N PHE B 233 18.30 -4.33 -4.64
CA PHE B 233 17.30 -4.02 -5.64
C PHE B 233 17.76 -2.83 -6.46
N ALA B 234 17.32 -2.82 -7.72
CA ALA B 234 17.53 -1.70 -8.60
C ALA B 234 16.32 -1.68 -9.51
N MET B 235 15.63 -0.55 -9.55
CA MET B 235 14.46 -0.42 -10.42
C MET B 235 14.58 0.87 -11.20
N ASN B 236 14.09 0.84 -12.43
CA ASN B 236 13.81 2.08 -13.13
C ASN B 236 12.51 1.91 -13.92
N MET B 237 11.84 3.03 -14.15
CA MET B 237 10.52 3.03 -14.79
C MET B 237 10.38 4.31 -15.59
N ASP B 238 9.61 4.24 -16.68
CA ASP B 238 9.31 5.44 -17.45
C ASP B 238 8.59 6.44 -16.56
N MET B 239 8.95 7.70 -16.69
CA MET B 239 8.51 8.73 -15.76
C MET B 239 8.32 10.01 -16.54
N PRO B 240 7.28 10.08 -17.37
CA PRO B 240 7.11 11.26 -18.23
C PRO B 240 6.79 12.53 -17.46
N THR B 241 6.29 12.43 -16.22
CA THR B 241 5.99 13.59 -15.40
C THR B 241 6.41 13.29 -13.97
N SER B 242 6.58 14.38 -13.21
CA SER B 242 6.94 14.28 -11.79
C SER B 242 5.86 13.60 -10.96
N ASP B 243 4.63 13.52 -11.47
CA ASP B 243 3.51 13.09 -10.63
C ASP B 243 3.57 11.61 -10.27
N GLY B 244 4.29 10.80 -11.03
CA GLY B 244 4.35 9.40 -10.70
C GLY B 244 5.57 9.01 -9.89
N LEU B 245 6.31 9.98 -9.35
CA LEU B 245 7.59 9.66 -8.74
C LEU B 245 7.42 8.75 -7.52
N GLY B 246 6.31 8.89 -6.81
CA GLY B 246 6.06 8.01 -5.67
C GLY B 246 5.88 6.57 -6.04
N LEU B 247 5.69 6.27 -7.34
CA LEU B 247 5.54 4.88 -7.76
C LEU B 247 6.86 4.13 -7.71
N ARG B 248 7.98 4.84 -7.81
CA ARG B 248 9.29 4.20 -7.66
C ARG B 248 9.29 3.30 -6.42
N GLN B 249 9.01 3.90 -5.25
CA GLN B 249 9.01 3.13 -4.00
C GLN B 249 7.79 2.22 -3.89
N ALA B 250 6.62 2.69 -4.31
CA ALA B 250 5.41 1.90 -4.14
C ALA B 250 5.49 0.60 -4.95
N ILE B 251 5.96 0.67 -6.19
CA ILE B 251 6.04 -0.53 -7.02
C ILE B 251 7.09 -1.47 -6.48
N THR B 252 8.27 -0.95 -6.16
CA THR B 252 9.32 -1.80 -5.60
C THR B 252 8.82 -2.52 -4.36
N LYS B 253 8.12 -1.80 -3.48
CA LYS B 253 7.62 -2.41 -2.26
C LYS B 253 6.53 -3.43 -2.54
N GLU B 254 5.71 -3.21 -3.57
CA GLU B 254 4.75 -4.24 -3.98
C GLU B 254 5.46 -5.52 -4.38
N VAL B 255 6.61 -5.40 -5.05
CA VAL B 255 7.37 -6.58 -5.44
C VAL B 255 7.99 -7.24 -4.21
N LEU B 256 8.62 -6.43 -3.35
CA LEU B 256 9.14 -6.97 -2.10
C LEU B 256 8.05 -7.69 -1.33
N LYS B 257 6.85 -7.12 -1.29
CA LYS B 257 5.75 -7.76 -0.56
C LYS B 257 5.34 -9.07 -1.24
N GLN B 258 5.28 -9.08 -2.57
CA GLN B 258 4.86 -10.30 -3.28
C GLN B 258 5.88 -11.42 -3.08
N GLU B 259 7.16 -11.09 -3.05
CA GLU B 259 8.20 -12.09 -2.83
C GLU B 259 8.41 -12.41 -1.35
N LYS B 260 7.54 -11.93 -0.46
CA LYS B 260 7.63 -12.21 0.98
C LYS B 260 8.94 -11.70 1.59
N ILE B 261 9.51 -10.63 1.03
CA ILE B 261 10.72 -10.05 1.59
C ILE B 261 10.40 -9.08 2.72
N ILE B 262 9.33 -8.30 2.59
CA ILE B 262 8.85 -7.45 3.65
C ILE B 262 7.40 -7.82 3.88
N PRO B 263 6.86 -7.56 5.10
CA PRO B 263 5.46 -7.91 5.37
C PRO B 263 4.46 -7.18 4.47
N HIS C 15 -40.11 -3.01 23.55
CA HIS C 15 -39.07 -2.15 22.99
C HIS C 15 -37.89 -2.96 22.46
N GLU C 16 -37.42 -2.62 21.27
CA GLU C 16 -36.16 -3.11 20.75
C GLU C 16 -35.36 -1.94 20.20
N ASN C 17 -34.18 -1.71 20.78
CA ASN C 17 -33.40 -0.51 20.58
C ASN C 17 -32.13 -0.82 19.79
N LEU C 18 -31.59 0.21 19.15
CA LEU C 18 -30.28 0.09 18.52
C LEU C 18 -29.18 0.10 19.57
N TYR C 19 -28.14 -0.70 19.32
CA TYR C 19 -26.95 -0.76 20.16
C TYR C 19 -25.73 -0.39 19.33
N PHE C 20 -24.71 0.16 19.99
CA PHE C 20 -23.52 0.65 19.31
C PHE C 20 -22.39 0.70 20.33
N GLN C 21 -21.37 -0.12 20.14
CA GLN C 21 -20.25 -0.19 21.09
C GLN C 21 -19.39 1.07 21.05
N GLY C 22 -19.38 1.78 19.95
CA GLY C 22 -18.61 2.99 19.84
C GLY C 22 -17.39 2.91 18.98
N TRP C 23 -16.90 4.03 18.52
CA TRP C 23 -15.74 4.05 17.69
C TRP C 23 -14.48 3.75 18.43
N GLN C 24 -13.63 2.91 17.87
CA GLN C 24 -12.37 2.56 18.48
C GLN C 24 -11.25 3.29 17.79
N GLU C 25 -10.35 3.90 18.52
CA GLU C 25 -9.27 4.66 17.94
C GLU C 25 -8.08 3.80 17.63
N ASN C 26 -7.55 3.96 16.45
CA ASN C 26 -6.35 3.26 15.97
C ASN C 26 -5.44 4.38 15.47
N LYS C 27 -4.74 5.03 16.41
CA LYS C 27 -3.87 6.13 16.01
C LYS C 27 -2.71 5.65 15.14
N SER C 28 -2.47 4.33 15.09
CA SER C 28 -1.49 3.77 14.17
C SER C 28 -1.72 4.19 12.72
N TRP C 29 -2.98 4.41 12.33
CA TRP C 29 -3.25 4.82 10.97
C TRP C 29 -2.65 6.19 10.65
N ASN C 30 -2.39 7.01 11.67
CA ASN C 30 -1.87 8.35 11.44
C ASN C 30 -0.56 8.34 10.66
N ALA C 31 0.20 7.25 10.75
CA ALA C 31 1.48 7.18 10.05
C ALA C 31 1.28 7.28 8.54
N HIS C 32 0.15 6.78 8.02
CA HIS C 32 -0.11 6.88 6.59
C HIS C 32 -0.35 8.33 6.18
N PHE C 33 -0.91 9.14 7.08
CA PHE C 33 -1.09 10.56 6.75
C PHE C 33 0.23 11.31 6.84
N THR C 34 0.98 11.12 7.93
CA THR C 34 2.22 11.87 8.10
C THR C 34 3.24 11.47 7.04
N GLU C 35 3.24 10.18 6.63
CA GLU C 35 4.12 9.72 5.56
C GLU C 35 3.94 10.54 4.29
N HIS C 36 2.71 10.99 4.02
CA HIS C 36 2.44 11.82 2.86
C HIS C 36 2.29 13.29 3.24
N LYS C 37 2.77 13.68 4.42
CA LYS C 37 2.75 15.07 4.88
C LYS C 37 1.34 15.65 4.80
N SER C 38 0.36 14.84 5.21
CA SER C 38 -1.05 15.18 5.11
C SER C 38 -1.68 15.03 6.48
N GLN C 39 -2.92 15.50 6.57
CA GLN C 39 -3.71 15.42 7.79
C GLN C 39 -5.14 15.06 7.41
N GLY C 40 -5.73 14.10 8.12
CA GLY C 40 -7.13 13.81 7.93
C GLY C 40 -7.56 12.62 8.74
N VAL C 41 -8.75 12.10 8.43
CA VAL C 41 -9.32 10.97 9.14
C VAL C 41 -9.76 9.88 8.16
N VAL C 42 -9.60 8.62 8.59
CA VAL C 42 -10.23 7.47 7.93
C VAL C 42 -11.15 6.83 8.95
N VAL C 43 -12.40 6.59 8.55
CA VAL C 43 -13.36 5.86 9.36
C VAL C 43 -13.69 4.55 8.64
N LEU C 44 -13.61 3.44 9.37
CA LEU C 44 -13.97 2.11 8.87
C LEU C 44 -15.07 1.50 9.73
N TRP C 45 -15.93 0.72 9.08
CA TRP C 45 -16.97 0.00 9.78
C TRP C 45 -17.02 -1.43 9.25
N ASN C 46 -16.79 -2.39 10.15
CA ASN C 46 -16.90 -3.81 9.87
C ASN C 46 -18.36 -4.21 9.96
N GLU C 47 -18.98 -4.58 8.85
CA GLU C 47 -20.43 -4.84 8.90
C GLU C 47 -20.76 -6.10 9.69
N ASN C 48 -19.99 -7.18 9.49
CA ASN C 48 -20.29 -8.43 10.17
C ASN C 48 -20.25 -8.25 11.70
N LYS C 49 -19.20 -7.63 12.21
CA LYS C 49 -18.97 -7.52 13.64
C LYS C 49 -19.58 -6.27 14.25
N GLN C 50 -20.14 -5.37 13.43
CA GLN C 50 -20.74 -4.13 13.93
C GLN C 50 -19.74 -3.33 14.77
N GLN C 51 -18.52 -3.21 14.27
CA GLN C 51 -17.45 -2.50 14.95
C GLN C 51 -16.87 -1.41 14.04
N GLY C 52 -16.60 -0.25 14.63
CA GLY C 52 -16.08 0.89 13.89
C GLY C 52 -14.74 1.33 14.45
N PHE C 53 -13.88 1.81 13.54
CA PHE C 53 -12.52 2.19 13.89
C PHE C 53 -12.16 3.48 13.16
N THR C 54 -11.37 4.33 13.83
CA THR C 54 -10.93 5.58 13.24
C THR C 54 -9.57 5.94 13.82
N ASN C 55 -8.82 6.75 13.08
CA ASN C 55 -7.55 7.27 13.59
C ASN C 55 -7.70 8.55 14.38
N ASN C 56 -8.88 9.17 14.37
CA ASN C 56 -9.04 10.51 14.94
C ASN C 56 -10.52 10.70 15.24
N LEU C 57 -10.93 10.45 16.49
CA LEU C 57 -12.35 10.40 16.79
C LEU C 57 -12.97 11.79 16.73
N LYS C 58 -12.22 12.84 17.07
CA LYS C 58 -12.74 14.19 16.97
C LYS C 58 -13.07 14.53 15.53
N ARG C 59 -12.12 14.29 14.63
CA ARG C 59 -12.31 14.64 13.23
C ARG C 59 -13.31 13.71 12.54
N ALA C 60 -13.41 12.46 13.01
CA ALA C 60 -14.41 11.54 12.45
C ALA C 60 -15.82 12.09 12.61
N ASN C 61 -16.06 12.90 13.64
CA ASN C 61 -17.37 13.45 13.92
C ASN C 61 -17.51 14.90 13.48
N GLN C 62 -16.44 15.52 12.99
CA GLN C 62 -16.52 16.87 12.47
C GLN C 62 -17.22 16.90 11.10
N ALA C 63 -18.22 17.76 10.96
CA ALA C 63 -19.04 17.82 9.75
C ALA C 63 -18.50 18.88 8.80
N PHE C 64 -18.46 18.51 7.50
CA PHE C 64 -17.97 19.36 6.42
C PHE C 64 -19.00 19.40 5.29
N LEU C 65 -18.83 20.35 4.39
CA LEU C 65 -19.59 20.32 3.15
C LEU C 65 -19.34 18.99 2.44
N PRO C 66 -20.39 18.30 1.99
CA PRO C 66 -20.18 17.01 1.30
C PRO C 66 -19.60 17.16 -0.08
N ALA C 67 -19.71 18.34 -0.68
CA ALA C 67 -19.25 18.59 -2.06
C ALA C 67 -19.78 17.47 -2.95
N SER C 68 -18.95 16.85 -3.79
CA SER C 68 -19.43 15.87 -4.77
C SER C 68 -19.90 14.56 -4.15
N THR C 69 -19.57 14.26 -2.88
CA THR C 69 -20.19 13.08 -2.27
C THR C 69 -21.71 13.25 -2.20
N PHE C 70 -22.21 14.49 -2.32
CA PHE C 70 -23.65 14.72 -2.41
C PHE C 70 -24.27 14.11 -3.67
N LYS C 71 -23.45 13.75 -4.66
CA LYS C 71 -24.01 13.12 -5.85
C LYS C 71 -24.75 11.82 -5.51
N ILE C 72 -24.38 11.16 -4.41
CA ILE C 72 -25.04 9.93 -3.99
C ILE C 72 -26.50 10.22 -3.62
N PRO C 73 -26.79 11.04 -2.58
CA PRO C 73 -28.21 11.31 -2.27
C PRO C 73 -28.92 12.06 -3.38
N ASN C 74 -28.21 12.98 -4.05
CA ASN C 74 -28.81 13.69 -5.18
C ASN C 74 -29.24 12.70 -6.27
N SER C 75 -28.38 11.73 -6.62
CA SER C 75 -28.79 10.73 -7.62
C SER C 75 -30.02 9.95 -7.16
N LEU C 76 -30.06 9.56 -5.87
CA LEU C 76 -31.16 8.74 -5.39
C LEU C 76 -32.49 9.48 -5.47
N ILE C 77 -32.48 10.77 -5.13
CA ILE C 77 -33.71 11.56 -5.16
C ILE C 77 -34.15 11.79 -6.60
N ALA C 78 -33.21 12.14 -7.47
CA ALA C 78 -33.55 12.35 -8.88
C ALA C 78 -34.21 11.11 -9.47
N LEU C 79 -33.59 9.94 -9.25
CA LEU C 79 -34.15 8.68 -9.76
C LEU C 79 -35.53 8.42 -9.18
N ASP C 80 -35.67 8.54 -7.86
CA ASP C 80 -36.92 8.18 -7.20
C ASP C 80 -38.06 9.11 -7.58
N LEU C 81 -37.76 10.32 -8.02
CA LEU C 81 -38.76 11.28 -8.45
C LEU C 81 -38.94 11.31 -9.97
N GLY C 82 -38.25 10.44 -10.70
CA GLY C 82 -38.39 10.45 -12.15
C GLY C 82 -37.72 11.61 -12.85
N VAL C 83 -36.94 12.42 -12.13
CA VAL C 83 -36.06 13.39 -12.81
C VAL C 83 -35.10 12.67 -13.74
N VAL C 84 -34.64 11.49 -13.31
CA VAL C 84 -33.81 10.60 -14.11
C VAL C 84 -34.58 9.30 -14.27
N LYS C 85 -34.86 8.92 -15.52
CA LYS C 85 -35.68 7.73 -15.76
C LYS C 85 -34.89 6.46 -15.52
N ASP C 86 -33.63 6.42 -15.96
CA ASP C 86 -32.77 5.26 -15.78
C ASP C 86 -31.33 5.67 -16.02
N GLU C 87 -30.42 4.71 -15.85
CA GLU C 87 -29.01 5.01 -15.96
C GLU C 87 -28.55 5.25 -17.39
N HIS C 88 -29.43 5.10 -18.39
CA HIS C 88 -29.06 5.29 -19.79
C HIS C 88 -29.49 6.64 -20.34
N GLN C 89 -30.37 7.36 -19.64
CA GLN C 89 -30.89 8.60 -20.16
C GLN C 89 -29.77 9.62 -20.32
N VAL C 90 -29.80 10.35 -21.44
CA VAL C 90 -28.73 11.25 -21.83
C VAL C 90 -29.08 12.66 -21.38
N PHE C 91 -28.13 13.33 -20.74
CA PHE C 91 -28.25 14.74 -20.38
C PHE C 91 -27.26 15.49 -21.26
N LYS C 92 -27.79 16.27 -22.19
CA LYS C 92 -26.96 16.88 -23.20
C LYS C 92 -26.19 18.04 -22.60
N TRP C 93 -24.92 18.12 -22.96
CA TRP C 93 -24.09 19.27 -22.62
C TRP C 93 -24.82 20.57 -22.99
N ASP C 94 -24.79 21.54 -22.06
CA ASP C 94 -25.47 22.81 -22.32
C ASP C 94 -24.65 23.74 -23.22
N GLY C 95 -23.44 23.35 -23.60
CA GLY C 95 -22.65 24.14 -24.50
C GLY C 95 -21.67 25.08 -23.84
N GLN C 96 -21.77 25.31 -22.53
CA GLN C 96 -20.82 26.15 -21.83
C GLN C 96 -19.53 25.35 -21.56
N THR C 97 -18.41 25.88 -22.02
CA THR C 97 -17.12 25.23 -21.82
C THR C 97 -16.63 25.50 -20.41
N ARG C 98 -16.38 24.43 -19.64
CA ARG C 98 -15.92 24.56 -18.27
C ARG C 98 -14.51 23.97 -18.15
N ASP C 99 -13.93 24.16 -16.97
CA ASP C 99 -12.50 23.88 -16.79
C ASP C 99 -12.20 22.40 -16.96
N ILE C 100 -13.09 21.53 -16.52
CA ILE C 100 -12.85 20.11 -16.54
C ILE C 100 -13.35 19.56 -17.87
N ALA C 101 -12.43 19.03 -18.68
CA ALA C 101 -12.76 18.73 -20.07
C ALA C 101 -13.85 17.68 -20.19
N THR C 102 -13.79 16.64 -19.34
CA THR C 102 -14.79 15.58 -19.37
C THR C 102 -16.21 16.06 -19.08
N TRP C 103 -16.37 17.29 -18.55
CA TRP C 103 -17.70 17.84 -18.36
C TRP C 103 -18.30 18.39 -19.65
N ASN C 104 -17.47 18.62 -20.66
CA ASN C 104 -17.90 19.36 -21.85
C ASN C 104 -18.38 18.41 -22.94
N ARG C 105 -19.38 17.61 -22.56
CA ARG C 105 -19.92 16.54 -23.40
C ARG C 105 -21.21 16.06 -22.75
N ASP C 106 -21.92 15.21 -23.48
CA ASP C 106 -23.12 14.56 -22.97
C ASP C 106 -22.75 13.48 -21.94
N HIS C 107 -23.70 13.19 -21.07
CA HIS C 107 -23.46 12.23 -20.01
C HIS C 107 -24.73 11.45 -19.73
N ASN C 108 -24.54 10.26 -19.18
CA ASN C 108 -25.64 9.59 -18.52
C ASN C 108 -25.31 9.56 -17.03
N LEU C 109 -26.13 8.85 -16.26
CA LEU C 109 -25.90 8.79 -14.82
C LEU C 109 -24.56 8.16 -14.49
N ILE C 110 -24.19 7.09 -15.21
CA ILE C 110 -22.93 6.41 -14.90
C ILE C 110 -21.74 7.32 -15.18
N THR C 111 -21.73 7.96 -16.36
CA THR C 111 -20.61 8.83 -16.68
C THR C 111 -20.67 10.13 -15.89
N ALA C 112 -21.86 10.67 -15.64
CA ALA C 112 -21.95 11.87 -14.80
C ALA C 112 -21.36 11.61 -13.42
N MET C 113 -21.57 10.43 -12.87
CA MET C 113 -20.98 10.21 -11.55
C MET C 113 -19.50 9.89 -11.63
N LYS C 114 -19.08 9.14 -12.65
CA LYS C 114 -17.68 8.76 -12.78
C LYS C 114 -16.79 9.98 -12.95
N TYR C 115 -17.23 10.94 -13.77
CA TYR C 115 -16.49 12.17 -14.00
C TYR C 115 -16.96 13.31 -13.13
N SER C 116 -17.89 13.03 -12.22
CA SER C 116 -18.32 13.99 -11.20
C SER C 116 -18.75 15.31 -11.84
N VAL C 117 -19.75 15.19 -12.72
CA VAL C 117 -20.15 16.29 -13.62
C VAL C 117 -21.15 17.16 -12.88
N VAL C 118 -20.61 18.19 -12.19
CA VAL C 118 -21.45 19.11 -11.40
C VAL C 118 -22.66 19.65 -12.16
N PRO C 119 -22.53 20.23 -13.37
CA PRO C 119 -23.70 20.90 -13.97
C PRO C 119 -24.84 19.96 -14.27
N VAL C 120 -24.58 18.67 -14.46
CA VAL C 120 -25.68 17.73 -14.58
C VAL C 120 -26.43 17.63 -13.26
N TYR C 121 -25.69 17.61 -12.14
CA TYR C 121 -26.34 17.45 -10.85
C TYR C 121 -26.98 18.75 -10.34
N GLN C 122 -26.45 19.91 -10.73
CA GLN C 122 -27.18 21.15 -10.41
C GLN C 122 -28.52 21.18 -11.13
N GLU C 123 -28.56 20.72 -12.38
CA GLU C 123 -29.82 20.63 -13.08
C GLU C 123 -30.78 19.66 -12.38
N PHE C 124 -30.27 18.49 -11.96
CA PHE C 124 -31.07 17.60 -11.10
C PHE C 124 -31.66 18.38 -9.91
N ALA C 125 -30.82 19.12 -9.20
CA ALA C 125 -31.27 19.80 -7.98
C ALA C 125 -32.36 20.83 -8.28
N ARG C 126 -32.21 21.57 -9.39
CA ARG C 126 -33.22 22.55 -9.76
C ARG C 126 -34.55 21.89 -10.03
N GLN C 127 -34.53 20.72 -10.67
CA GLN C 127 -35.77 20.02 -11.01
C GLN C 127 -36.40 19.38 -9.78
N ILE C 128 -35.57 18.83 -8.89
CA ILE C 128 -36.06 18.34 -7.61
C ILE C 128 -36.74 19.48 -6.85
N GLY C 129 -36.07 20.62 -6.75
CA GLY C 129 -36.62 21.75 -6.04
C GLY C 129 -36.36 21.71 -4.53
N GLU C 130 -36.47 22.91 -3.93
CA GLU C 130 -36.13 23.09 -2.52
C GLU C 130 -37.01 22.23 -1.61
N ALA C 131 -38.33 22.29 -1.81
CA ALA C 131 -39.24 21.59 -0.90
C ALA C 131 -38.97 20.09 -0.88
N ARG C 132 -38.90 19.47 -2.06
CA ARG C 132 -38.71 18.03 -2.11
C ARG C 132 -37.31 17.64 -1.65
N MET C 133 -36.30 18.45 -1.99
CA MET C 133 -34.95 18.14 -1.56
C MET C 133 -34.85 18.10 -0.04
N SER C 134 -35.46 19.09 0.62
CA SER C 134 -35.43 19.16 2.08
C SER C 134 -36.13 17.95 2.68
N LYS C 135 -37.31 17.60 2.16
CA LYS C 135 -38.03 16.46 2.72
C LYS C 135 -37.24 15.17 2.55
N MET C 136 -36.60 15.00 1.39
CA MET C 136 -35.84 13.78 1.15
C MET C 136 -34.64 13.67 2.08
N LEU C 137 -33.91 14.77 2.27
CA LEU C 137 -32.73 14.72 3.13
C LEU C 137 -33.12 14.45 4.57
N HIS C 138 -34.29 14.89 4.98
CA HIS C 138 -34.72 14.60 6.35
C HIS C 138 -35.09 13.14 6.48
N ALA C 139 -35.69 12.57 5.42
CA ALA C 139 -36.00 11.14 5.41
C ALA C 139 -34.74 10.31 5.36
N PHE C 140 -33.72 10.77 4.64
CA PHE C 140 -32.41 10.12 4.67
C PHE C 140 -31.66 10.34 5.97
N ASP C 141 -32.10 11.28 6.82
CA ASP C 141 -31.40 11.61 8.05
C ASP C 141 -29.96 11.99 7.76
N TYR C 142 -29.77 12.75 6.70
CA TYR C 142 -28.48 12.98 6.08
C TYR C 142 -27.83 14.22 6.70
N GLY C 143 -26.68 14.03 7.34
CA GLY C 143 -25.93 15.14 7.93
C GLY C 143 -26.81 16.02 8.80
N ASN C 144 -26.68 17.33 8.65
CA ASN C 144 -27.51 18.26 9.41
C ASN C 144 -28.82 18.62 8.69
N GLU C 145 -29.07 18.01 7.52
CA GLU C 145 -30.33 18.17 6.77
C GLU C 145 -30.59 19.61 6.34
N ASP C 146 -29.57 20.48 6.35
CA ASP C 146 -29.78 21.91 6.12
C ASP C 146 -29.56 22.24 4.65
N ILE C 147 -30.64 22.62 3.97
CA ILE C 147 -30.67 22.94 2.54
C ILE C 147 -30.28 24.37 2.24
N SER C 148 -30.09 25.20 3.28
CA SER C 148 -29.92 26.65 3.11
C SER C 148 -28.87 26.97 2.06
N GLY C 149 -29.22 27.91 1.18
CA GLY C 149 -28.37 28.40 0.12
C GLY C 149 -29.09 28.27 -1.21
N ASN C 150 -28.30 28.31 -2.28
CA ASN C 150 -28.84 28.10 -3.62
C ASN C 150 -29.29 26.64 -3.80
N VAL C 151 -30.47 26.45 -4.37
CA VAL C 151 -30.98 25.09 -4.58
C VAL C 151 -30.00 24.26 -5.40
N ASP C 152 -29.22 24.89 -6.28
CA ASP C 152 -28.32 24.18 -7.17
C ASP C 152 -26.87 24.25 -6.74
N SER C 153 -26.61 24.60 -5.48
CA SER C 153 -25.22 24.59 -5.01
C SER C 153 -25.07 24.50 -3.48
N PHE C 154 -26.16 24.28 -2.75
CA PHE C 154 -26.07 24.35 -1.28
C PHE C 154 -25.09 23.33 -0.72
N TRP C 155 -24.86 22.22 -1.45
CA TRP C 155 -23.89 21.21 -1.05
C TRP C 155 -22.46 21.59 -1.41
N LEU C 156 -22.28 22.68 -2.14
CA LEU C 156 -20.98 23.24 -2.49
C LEU C 156 -20.61 24.47 -1.70
N ASP C 157 -21.59 25.30 -1.33
CA ASP C 157 -21.28 26.52 -0.57
C ASP C 157 -22.44 27.00 0.29
N GLY C 158 -23.38 26.14 0.64
CA GLY C 158 -24.50 26.52 1.48
C GLY C 158 -24.34 25.93 2.87
N GLY C 159 -25.44 25.52 3.47
CA GLY C 159 -25.42 25.15 4.87
C GLY C 159 -25.26 23.66 5.21
N ILE C 160 -25.38 22.76 4.22
CA ILE C 160 -25.38 21.33 4.53
C ILE C 160 -24.02 20.90 5.03
N ARG C 161 -24.01 20.08 6.10
CA ARG C 161 -22.80 19.60 6.73
C ARG C 161 -22.98 18.12 7.06
N ILE C 162 -21.92 17.33 6.87
CA ILE C 162 -21.94 15.90 7.17
C ILE C 162 -20.54 15.48 7.60
N SER C 163 -20.47 14.60 8.60
CA SER C 163 -19.19 14.09 9.07
C SER C 163 -18.94 12.72 8.46
N ALA C 164 -17.68 12.27 8.55
CA ALA C 164 -17.32 10.92 8.15
C ALA C 164 -18.20 9.87 8.80
N THR C 165 -18.49 9.98 10.11
CA THR C 165 -19.31 8.93 10.72
C THR C 165 -20.75 8.99 10.23
N GLU C 166 -21.29 10.18 9.96
CA GLU C 166 -22.62 10.27 9.40
C GLU C 166 -22.66 9.75 7.96
N GLN C 167 -21.56 9.87 7.22
CA GLN C 167 -21.52 9.29 5.89
C GLN C 167 -21.65 7.76 5.96
N ILE C 168 -20.93 7.12 6.89
CA ILE C 168 -21.07 5.69 7.08
C ILE C 168 -22.51 5.31 7.38
N SER C 169 -23.19 6.07 8.24
CA SER C 169 -24.59 5.77 8.58
C SER C 169 -25.46 5.79 7.33
N PHE C 170 -25.31 6.82 6.51
CA PHE C 170 -26.11 6.94 5.31
C PHE C 170 -25.80 5.79 4.37
N LEU C 171 -24.52 5.48 4.17
CA LEU C 171 -24.12 4.45 3.21
C LEU C 171 -24.62 3.08 3.63
N ARG C 172 -24.61 2.78 4.94
CA ARG C 172 -25.15 1.51 5.43
C ARG C 172 -26.62 1.39 5.08
N LYS C 173 -27.39 2.46 5.23
CA LYS C 173 -28.78 2.41 4.77
C LYS C 173 -28.85 2.11 3.27
N LEU C 174 -27.96 2.72 2.47
CA LEU C 174 -28.01 2.52 1.02
C LEU C 174 -27.68 1.07 0.68
N TYR C 175 -26.60 0.55 1.28
CA TYR C 175 -26.19 -0.82 1.02
C TYR C 175 -27.31 -1.81 1.28
N HIS C 176 -28.05 -1.63 2.36
CA HIS C 176 -29.12 -2.54 2.75
C HIS C 176 -30.47 -2.17 2.15
N ASN C 177 -30.50 -1.22 1.21
CA ASN C 177 -31.75 -0.80 0.58
C ASN C 177 -32.76 -0.30 1.58
N LYS C 178 -32.28 0.35 2.65
CA LYS C 178 -33.14 0.80 3.74
C LYS C 178 -33.50 2.27 3.63
N LEU C 179 -32.98 3.01 2.65
CA LEU C 179 -33.36 4.41 2.53
C LEU C 179 -34.81 4.48 2.04
N HIS C 180 -35.44 5.62 2.29
CA HIS C 180 -36.85 5.80 1.98
C HIS C 180 -37.02 6.30 0.54
N VAL C 181 -36.52 5.46 -0.38
CA VAL C 181 -36.76 5.56 -1.81
C VAL C 181 -36.87 4.12 -2.32
N SER C 182 -37.24 3.97 -3.59
CA SER C 182 -37.44 2.63 -4.12
C SER C 182 -36.16 1.80 -4.05
N GLU C 183 -36.32 0.48 -3.87
CA GLU C 183 -35.19 -0.44 -4.06
C GLU C 183 -34.50 -0.20 -5.42
N ARG C 184 -35.29 0.01 -6.47
CA ARG C 184 -34.71 0.23 -7.79
C ARG C 184 -33.77 1.43 -7.81
N SER C 185 -34.20 2.55 -7.21
CA SER C 185 -33.34 3.74 -7.18
C SER C 185 -32.02 3.42 -6.51
N GLN C 186 -32.06 2.69 -5.41
CA GLN C 186 -30.85 2.37 -4.66
C GLN C 186 -29.96 1.42 -5.44
N ARG C 187 -30.54 0.41 -6.08
CA ARG C 187 -29.74 -0.45 -6.94
C ARG C 187 -29.04 0.36 -8.02
N ILE C 188 -29.76 1.29 -8.66
CA ILE C 188 -29.16 2.03 -9.77
C ILE C 188 -27.98 2.87 -9.27
N VAL C 189 -28.14 3.51 -8.11
CA VAL C 189 -27.06 4.36 -7.61
C VAL C 189 -25.86 3.52 -7.17
N LYS C 190 -26.09 2.37 -6.53
CA LYS C 190 -24.98 1.48 -6.19
C LYS C 190 -24.27 0.97 -7.46
N GLN C 191 -25.03 0.75 -8.53
CA GLN C 191 -24.37 0.44 -9.81
C GLN C 191 -23.49 1.61 -10.26
N ALA C 192 -24.03 2.83 -10.19
CA ALA C 192 -23.27 4.01 -10.60
C ALA C 192 -22.08 4.29 -9.72
N MET C 193 -22.11 3.83 -8.47
CA MET C 193 -21.02 4.05 -7.52
C MET C 193 -19.82 3.17 -7.80
N LEU C 194 -20.01 2.12 -8.60
CA LEU C 194 -18.97 1.16 -8.92
C LEU C 194 -17.68 1.85 -9.33
N THR C 195 -16.61 1.48 -8.70
CA THR C 195 -15.34 2.17 -8.88
C THR C 195 -14.23 1.22 -9.24
N GLU C 196 -14.18 0.06 -8.58
CA GLU C 196 -13.14 -0.92 -8.82
C GLU C 196 -13.70 -2.31 -8.52
N ALA C 197 -13.29 -3.30 -9.32
CA ALA C 197 -13.67 -4.67 -9.03
C ALA C 197 -12.64 -5.61 -9.63
N ASN C 198 -12.25 -6.61 -8.87
CA ASN C 198 -11.36 -7.68 -9.32
C ASN C 198 -11.75 -8.95 -8.56
N GLY C 199 -10.94 -9.98 -8.67
CA GLY C 199 -11.26 -11.21 -7.96
C GLY C 199 -11.11 -11.16 -6.46
N ASP C 200 -10.67 -10.04 -5.87
CA ASP C 200 -10.51 -9.92 -4.43
C ASP C 200 -11.52 -9.00 -3.75
N TYR C 201 -12.02 -7.98 -4.44
CA TYR C 201 -12.93 -7.06 -3.80
C TYR C 201 -13.65 -6.20 -4.85
N ILE C 202 -14.72 -5.57 -4.39
CA ILE C 202 -15.46 -4.57 -5.14
C ILE C 202 -15.49 -3.30 -4.29
N ILE C 203 -15.21 -2.14 -4.90
CA ILE C 203 -15.37 -0.86 -4.22
C ILE C 203 -16.49 -0.08 -4.91
N ARG C 204 -17.49 0.31 -4.12
CA ARG C 204 -18.47 1.30 -4.53
C ARG C 204 -18.25 2.53 -3.65
N ALA C 205 -17.97 3.67 -4.27
CA ALA C 205 -17.48 4.83 -3.54
C ALA C 205 -17.78 6.09 -4.35
N LYS C 206 -17.65 7.25 -3.70
CA LYS C 206 -17.70 8.53 -4.38
C LYS C 206 -16.66 9.47 -3.81
N THR C 207 -15.89 10.09 -4.70
CA THR C 207 -14.91 11.10 -4.33
C THR C 207 -15.57 12.46 -4.13
N GLY C 208 -14.83 13.36 -3.48
CA GLY C 208 -15.31 14.71 -3.23
C GLY C 208 -14.14 15.64 -3.01
N TYR C 209 -14.32 16.89 -3.44
CA TYR C 209 -13.29 17.92 -3.29
C TYR C 209 -14.04 19.23 -3.07
N SER C 210 -14.11 19.65 -1.80
CA SER C 210 -14.81 20.88 -1.43
C SER C 210 -13.81 22.02 -1.42
N THR C 211 -13.95 22.97 -2.36
CA THR C 211 -13.03 24.09 -2.50
C THR C 211 -13.65 25.47 -2.36
N ARG C 212 -14.98 25.59 -2.40
CA ARG C 212 -15.58 26.92 -2.44
C ARG C 212 -15.49 27.64 -1.10
N ILE C 213 -15.39 26.90 -0.01
CA ILE C 213 -15.37 27.44 1.34
C ILE C 213 -14.27 26.72 2.11
N GLU C 214 -13.50 27.48 2.91
CA GLU C 214 -12.51 26.87 3.79
C GLU C 214 -13.20 26.03 4.87
N PRO C 215 -12.55 24.96 5.34
CA PRO C 215 -11.26 24.47 4.84
C PRO C 215 -11.42 23.62 3.58
N LYS C 216 -10.44 23.68 2.70
CA LYS C 216 -10.47 22.87 1.48
C LYS C 216 -10.14 21.42 1.86
N ILE C 217 -11.08 20.50 1.59
CA ILE C 217 -10.87 19.10 1.95
C ILE C 217 -11.18 18.17 0.77
N GLY C 218 -10.62 16.98 0.84
CA GLY C 218 -10.94 15.90 -0.09
C GLY C 218 -11.70 14.82 0.67
N TRP C 219 -12.70 14.25 0.02
CA TRP C 219 -13.51 13.15 0.54
C TRP C 219 -13.26 11.89 -0.29
N TRP C 220 -13.39 10.73 0.36
CA TRP C 220 -13.68 9.47 -0.34
C TRP C 220 -14.53 8.63 0.59
N VAL C 221 -15.77 8.39 0.19
CA VAL C 221 -16.71 7.63 1.01
C VAL C 221 -17.23 6.45 0.20
N GLY C 222 -17.47 5.33 0.87
CA GLY C 222 -17.96 4.19 0.10
C GLY C 222 -17.83 2.93 0.91
N TRP C 223 -17.63 1.82 0.19
CA TRP C 223 -17.48 0.54 0.89
C TRP C 223 -16.79 -0.49 0.02
N VAL C 224 -16.16 -1.44 0.71
CA VAL C 224 -15.40 -2.53 0.10
C VAL C 224 -16.19 -3.83 0.28
N GLU C 225 -16.58 -4.45 -0.83
CA GLU C 225 -17.30 -5.72 -0.75
C GLU C 225 -16.30 -6.87 -0.85
N LEU C 226 -16.33 -7.75 0.13
CA LEU C 226 -15.61 -9.02 0.09
C LEU C 226 -16.61 -10.16 -0.09
N ASP C 227 -16.07 -11.38 -0.18
CA ASP C 227 -16.90 -12.57 -0.29
C ASP C 227 -17.89 -12.71 0.86
N ASP C 228 -17.45 -12.41 2.11
CA ASP C 228 -18.25 -12.74 3.29
C ASP C 228 -18.37 -11.58 4.28
N ASN C 229 -18.13 -10.35 3.84
CA ASN C 229 -18.23 -9.20 4.72
C ASN C 229 -18.29 -7.96 3.84
N VAL C 230 -18.65 -6.85 4.46
CA VAL C 230 -18.57 -5.53 3.83
C VAL C 230 -17.91 -4.57 4.84
N TRP C 231 -16.93 -3.81 4.37
CA TRP C 231 -16.28 -2.78 5.16
C TRP C 231 -16.68 -1.42 4.59
N PHE C 232 -17.37 -0.62 5.38
CA PHE C 232 -17.69 0.73 4.96
C PHE C 232 -16.52 1.65 5.32
N PHE C 233 -16.30 2.66 4.47
CA PHE C 233 -15.25 3.62 4.78
C PHE C 233 -15.71 5.04 4.46
N ALA C 234 -15.23 5.98 5.27
CA ALA C 234 -15.38 7.39 4.95
C ALA C 234 -14.10 8.08 5.38
N MET C 235 -13.52 8.85 4.46
CA MET C 235 -12.34 9.60 4.79
C MET C 235 -12.47 11.02 4.27
N ASN C 236 -11.87 11.95 5.00
CA ASN C 236 -11.57 13.25 4.43
C ASN C 236 -10.19 13.68 4.92
N MET C 237 -9.62 14.67 4.25
CA MET C 237 -8.27 15.12 4.54
C MET C 237 -8.10 16.54 4.04
N ASP C 238 -7.22 17.30 4.70
CA ASP C 238 -6.93 18.65 4.22
C ASP C 238 -6.39 18.57 2.80
N MET C 239 -6.81 19.50 1.95
CA MET C 239 -6.47 19.46 0.52
C MET C 239 -6.22 20.87 0.01
N PRO C 240 -5.04 21.42 0.27
CA PRO C 240 -4.75 22.81 -0.09
C PRO C 240 -4.68 23.02 -1.60
N THR C 241 -3.97 22.12 -2.28
CA THR C 241 -3.83 22.12 -3.73
C THR C 241 -4.57 20.92 -4.30
N SER C 242 -5.00 21.04 -5.55
CA SER C 242 -5.60 19.89 -6.21
C SER C 242 -4.59 18.77 -6.45
N ASP C 243 -3.29 19.07 -6.35
CA ASP C 243 -2.30 18.09 -6.74
C ASP C 243 -2.12 16.97 -5.73
N GLY C 244 -2.82 17.01 -4.60
CA GLY C 244 -2.80 15.89 -3.69
C GLY C 244 -4.03 15.00 -3.74
N LEU C 245 -4.88 15.14 -4.77
CA LEU C 245 -6.17 14.46 -4.75
C LEU C 245 -6.03 12.95 -4.78
N GLY C 246 -5.00 12.43 -5.45
CA GLY C 246 -4.77 11.00 -5.46
C GLY C 246 -4.55 10.43 -4.06
N LEU C 247 -4.18 11.28 -3.10
CA LEU C 247 -3.93 10.81 -1.75
C LEU C 247 -5.20 10.28 -1.10
N ARG C 248 -6.37 10.79 -1.52
CA ARG C 248 -7.64 10.31 -0.98
C ARG C 248 -7.74 8.79 -1.05
N GLN C 249 -7.53 8.23 -2.26
CA GLN C 249 -7.60 6.78 -2.44
C GLN C 249 -6.35 6.08 -1.92
N ALA C 250 -5.17 6.65 -2.18
CA ALA C 250 -3.93 5.97 -1.79
C ALA C 250 -3.82 5.81 -0.29
N ILE C 251 -4.21 6.83 0.48
CA ILE C 251 -4.15 6.70 1.94
C ILE C 251 -5.18 5.70 2.42
N THR C 252 -6.43 5.81 1.95
CA THR C 252 -7.46 4.84 2.32
C THR C 252 -6.99 3.41 2.04
N LYS C 253 -6.45 3.19 0.84
CA LYS C 253 -6.01 1.84 0.49
C LYS C 253 -4.84 1.37 1.37
N GLU C 254 -3.96 2.29 1.79
CA GLU C 254 -2.93 1.93 2.75
C GLU C 254 -3.54 1.41 4.04
N VAL C 255 -4.58 2.08 4.53
CA VAL C 255 -5.24 1.64 5.75
C VAL C 255 -5.96 0.32 5.51
N LEU C 256 -6.59 0.17 4.35
CA LEU C 256 -7.25 -1.11 4.06
C LEU C 256 -6.23 -2.23 3.95
N LYS C 257 -5.09 -1.97 3.32
CA LYS C 257 -4.04 -2.98 3.23
C LYS C 257 -3.51 -3.33 4.61
N GLN C 258 -3.22 -2.32 5.43
CA GLN C 258 -2.65 -2.58 6.75
C GLN C 258 -3.58 -3.45 7.59
N GLU C 259 -4.88 -3.18 7.55
CA GLU C 259 -5.83 -4.03 8.22
C GLU C 259 -6.12 -5.32 7.45
N LYS C 260 -5.44 -5.55 6.32
CA LYS C 260 -5.57 -6.76 5.50
C LYS C 260 -7.02 -7.02 5.06
N ILE C 261 -7.76 -5.94 4.79
CA ILE C 261 -9.07 -6.02 4.17
C ILE C 261 -8.94 -6.21 2.65
N ILE C 262 -7.93 -5.61 2.02
CA ILE C 262 -7.63 -5.89 0.63
C ILE C 262 -6.19 -6.38 0.59
N PRO C 263 -5.81 -7.23 -0.38
CA PRO C 263 -4.48 -7.84 -0.42
C PRO C 263 -3.39 -6.79 -0.62
N PHE D 20 -27.12 -1.95 -39.24
CA PHE D 20 -26.56 -3.28 -39.03
C PHE D 20 -25.74 -3.66 -40.26
N GLN D 21 -24.42 -3.46 -40.15
CA GLN D 21 -23.49 -3.79 -41.23
C GLN D 21 -23.42 -5.28 -41.52
N GLY D 22 -23.77 -6.12 -40.57
CA GLY D 22 -23.62 -7.54 -40.72
C GLY D 22 -22.52 -8.12 -39.84
N TRP D 23 -21.84 -9.14 -40.35
CA TRP D 23 -20.70 -9.76 -39.68
C TRP D 23 -19.46 -9.54 -40.52
N GLN D 24 -18.32 -9.53 -39.85
CA GLN D 24 -17.04 -9.45 -40.52
C GLN D 24 -16.15 -10.53 -39.91
N GLU D 25 -15.55 -11.33 -40.78
CA GLU D 25 -14.64 -12.38 -40.34
C GLU D 25 -13.22 -11.85 -40.45
N ASN D 26 -12.55 -11.72 -39.31
CA ASN D 26 -11.19 -11.20 -39.23
C ASN D 26 -10.33 -12.34 -38.70
N LYS D 27 -9.78 -13.14 -39.62
CA LYS D 27 -8.99 -14.30 -39.19
C LYS D 27 -7.62 -13.92 -38.66
N SER D 28 -7.31 -12.62 -38.58
CA SER D 28 -6.09 -12.20 -37.89
C SER D 28 -6.10 -12.61 -36.42
N TRP D 29 -7.29 -12.69 -35.80
CA TRP D 29 -7.35 -13.03 -34.38
C TRP D 29 -6.83 -14.44 -34.12
N ASN D 30 -6.79 -15.30 -35.14
CA ASN D 30 -6.25 -16.64 -34.95
C ASN D 30 -4.79 -16.62 -34.51
N ALA D 31 -4.09 -15.51 -34.75
CA ALA D 31 -2.73 -15.37 -34.23
C ALA D 31 -2.71 -15.44 -32.71
N HIS D 32 -3.75 -14.93 -32.04
CA HIS D 32 -3.77 -15.02 -30.58
C HIS D 32 -4.07 -16.44 -30.11
N PHE D 33 -4.84 -17.20 -30.88
CA PHE D 33 -5.05 -18.61 -30.56
C PHE D 33 -3.79 -19.42 -30.84
N THR D 34 -3.21 -19.27 -32.03
CA THR D 34 -2.02 -20.04 -32.37
C THR D 34 -0.85 -19.65 -31.48
N GLU D 35 -0.77 -18.37 -31.07
CA GLU D 35 0.25 -17.93 -30.10
C GLU D 35 0.33 -18.85 -28.89
N HIS D 36 -0.80 -19.45 -28.48
CA HIS D 36 -0.84 -20.34 -27.32
C HIS D 36 -1.16 -21.78 -27.71
N LYS D 37 -0.95 -22.14 -28.97
CA LYS D 37 -1.24 -23.48 -29.47
C LYS D 37 -2.67 -23.91 -29.13
N SER D 38 -3.61 -23.03 -29.44
CA SER D 38 -5.01 -23.22 -29.11
C SER D 38 -5.86 -23.09 -30.36
N GLN D 39 -7.12 -23.51 -30.25
CA GLN D 39 -8.11 -23.31 -31.30
C GLN D 39 -9.39 -22.82 -30.64
N GLY D 40 -10.04 -21.86 -31.28
CA GLY D 40 -11.35 -21.47 -30.81
C GLY D 40 -11.89 -20.30 -31.59
N VAL D 41 -12.95 -19.73 -31.06
CA VAL D 41 -13.64 -18.61 -31.67
C VAL D 41 -13.82 -17.51 -30.63
N VAL D 42 -13.65 -16.27 -31.06
CA VAL D 42 -14.07 -15.08 -30.33
C VAL D 42 -15.11 -14.39 -31.18
N VAL D 43 -16.22 -13.99 -30.57
CA VAL D 43 -17.25 -13.20 -31.23
C VAL D 43 -17.42 -11.92 -30.43
N LEU D 44 -17.33 -10.77 -31.13
CA LEU D 44 -17.58 -9.45 -30.56
C LEU D 44 -18.76 -8.81 -31.25
N TRP D 45 -19.55 -8.06 -30.48
CA TRP D 45 -20.65 -7.29 -31.06
C TRP D 45 -20.57 -5.85 -30.57
N ASN D 46 -20.45 -4.93 -31.53
CA ASN D 46 -20.43 -3.49 -31.27
C ASN D 46 -21.87 -3.03 -31.21
N GLU D 47 -22.33 -2.65 -30.02
CA GLU D 47 -23.76 -2.35 -29.83
C GLU D 47 -24.16 -1.07 -30.54
N ASN D 48 -23.31 -0.04 -30.47
CA ASN D 48 -23.63 1.25 -31.06
C ASN D 48 -23.77 1.13 -32.58
N LYS D 49 -22.84 0.44 -33.22
CA LYS D 49 -22.79 0.32 -34.67
C LYS D 49 -23.50 -0.92 -35.19
N GLN D 50 -23.92 -1.82 -34.30
CA GLN D 50 -24.59 -3.05 -34.68
C GLN D 50 -23.72 -3.85 -35.65
N GLN D 51 -22.45 -4.03 -35.30
CA GLN D 51 -21.51 -4.76 -36.14
C GLN D 51 -20.92 -5.91 -35.35
N GLY D 52 -20.97 -7.11 -35.93
CA GLY D 52 -20.36 -8.29 -35.35
C GLY D 52 -19.02 -8.60 -35.99
N PHE D 53 -18.12 -9.19 -35.18
CA PHE D 53 -16.79 -9.56 -35.64
C PHE D 53 -16.40 -10.90 -35.06
N THR D 54 -15.78 -11.75 -35.89
CA THR D 54 -15.34 -13.06 -35.42
C THR D 54 -14.15 -13.53 -36.23
N ASN D 55 -13.37 -14.43 -35.64
CA ASN D 55 -12.26 -15.07 -36.33
C ASN D 55 -12.67 -16.33 -37.08
N ASN D 56 -13.94 -16.73 -36.97
CA ASN D 56 -14.38 -18.03 -37.48
C ASN D 56 -15.90 -18.09 -37.51
N LEU D 57 -16.50 -17.76 -38.65
CA LEU D 57 -17.95 -17.68 -38.72
C LEU D 57 -18.59 -19.03 -38.46
N LYS D 58 -17.97 -20.11 -38.93
CA LYS D 58 -18.57 -21.43 -38.72
C LYS D 58 -18.63 -21.76 -37.23
N ARG D 59 -17.49 -21.71 -36.56
CA ARG D 59 -17.48 -22.09 -35.15
C ARG D 59 -18.32 -21.14 -34.31
N ALA D 60 -18.42 -19.87 -34.69
CA ALA D 60 -19.24 -18.91 -33.96
C ALA D 60 -20.70 -19.34 -33.91
N ASN D 61 -21.15 -20.14 -34.88
CA ASN D 61 -22.53 -20.57 -34.95
C ASN D 61 -22.69 -22.05 -34.62
N GLN D 62 -21.62 -22.73 -34.24
CA GLN D 62 -21.70 -24.09 -33.76
C GLN D 62 -22.11 -24.11 -32.28
N ALA D 63 -23.12 -24.92 -31.96
CA ALA D 63 -23.67 -24.95 -30.61
C ALA D 63 -22.89 -25.94 -29.76
N PHE D 64 -22.63 -25.56 -28.51
CA PHE D 64 -21.95 -26.41 -27.55
C PHE D 64 -22.74 -26.45 -26.24
N LEU D 65 -22.36 -27.37 -25.37
CA LEU D 65 -22.89 -27.40 -24.02
C LEU D 65 -22.58 -26.07 -23.31
N PRO D 66 -23.57 -25.38 -22.75
CA PRO D 66 -23.30 -24.08 -22.08
C PRO D 66 -22.48 -24.20 -20.81
N ALA D 67 -22.46 -25.37 -20.17
CA ALA D 67 -21.78 -25.58 -18.89
C ALA D 67 -22.10 -24.45 -17.93
N SER D 68 -21.09 -23.95 -17.21
CA SER D 68 -21.34 -22.95 -16.16
C SER D 68 -21.92 -21.64 -16.71
N THR D 69 -21.87 -21.39 -18.02
CA THR D 69 -22.52 -20.15 -18.50
C THR D 69 -24.04 -20.26 -18.38
N PHE D 70 -24.56 -21.47 -18.24
CA PHE D 70 -25.97 -21.62 -17.93
C PHE D 70 -26.33 -21.00 -16.56
N LYS D 71 -25.35 -20.72 -15.70
CA LYS D 71 -25.70 -20.07 -14.42
C LYS D 71 -26.33 -18.69 -14.62
N ILE D 72 -26.14 -18.06 -15.79
CA ILE D 72 -26.77 -16.76 -16.06
C ILE D 72 -28.28 -16.96 -16.17
N PRO D 73 -28.81 -17.74 -17.12
CA PRO D 73 -30.28 -17.87 -17.18
C PRO D 73 -30.85 -18.59 -15.97
N ASN D 74 -30.11 -19.53 -15.40
CA ASN D 74 -30.52 -20.18 -14.16
C ASN D 74 -30.73 -19.17 -13.03
N SER D 75 -29.81 -18.20 -12.88
CA SER D 75 -29.97 -17.18 -11.83
C SER D 75 -31.20 -16.31 -12.09
N LEU D 76 -31.39 -15.92 -13.35
CA LEU D 76 -32.56 -15.09 -13.70
C LEU D 76 -33.85 -15.78 -13.30
N ILE D 77 -33.99 -17.06 -13.61
CA ILE D 77 -35.24 -17.77 -13.34
C ILE D 77 -35.41 -17.99 -11.84
N ALA D 78 -34.35 -18.38 -11.14
CA ALA D 78 -34.43 -18.59 -9.71
C ALA D 78 -34.86 -17.30 -8.99
N LEU D 79 -34.31 -16.16 -9.41
CA LEU D 79 -34.70 -14.89 -8.80
C LEU D 79 -36.14 -14.53 -9.15
N ASP D 80 -36.54 -14.80 -10.40
CA ASP D 80 -37.85 -14.34 -10.84
C ASP D 80 -38.98 -15.17 -10.24
N LEU D 81 -38.71 -16.43 -9.90
CA LEU D 81 -39.67 -17.30 -9.24
C LEU D 81 -39.53 -17.28 -7.72
N GLY D 82 -38.71 -16.40 -7.19
CA GLY D 82 -38.52 -16.36 -5.75
C GLY D 82 -37.77 -17.53 -5.16
N VAL D 83 -37.27 -18.46 -5.97
CA VAL D 83 -36.36 -19.48 -5.44
C VAL D 83 -35.19 -18.80 -4.72
N VAL D 84 -34.68 -17.72 -5.30
CA VAL D 84 -33.70 -16.86 -4.64
C VAL D 84 -34.41 -15.55 -4.33
N LYS D 85 -34.45 -15.20 -3.04
CA LYS D 85 -35.10 -13.94 -2.63
C LYS D 85 -34.27 -12.74 -3.06
N ASP D 86 -32.95 -12.80 -2.90
CA ASP D 86 -32.06 -11.71 -3.30
C ASP D 86 -30.62 -12.20 -3.19
N GLU D 87 -29.70 -11.28 -3.48
CA GLU D 87 -28.30 -11.62 -3.63
C GLU D 87 -27.55 -11.80 -2.32
N HIS D 88 -28.22 -11.60 -1.16
CA HIS D 88 -27.62 -11.84 0.14
C HIS D 88 -28.05 -13.16 0.78
N GLN D 89 -29.18 -13.73 0.36
CA GLN D 89 -29.66 -14.98 0.91
C GLN D 89 -28.56 -16.04 0.86
N VAL D 90 -28.47 -16.84 1.92
CA VAL D 90 -27.36 -17.77 2.10
C VAL D 90 -27.83 -19.16 1.77
N PHE D 91 -27.02 -19.88 1.02
CA PHE D 91 -27.23 -21.28 0.71
C PHE D 91 -26.17 -22.06 1.45
N LYS D 92 -26.59 -22.84 2.43
CA LYS D 92 -25.65 -23.52 3.31
C LYS D 92 -24.99 -24.66 2.56
N TRP D 93 -23.68 -24.78 2.75
CA TRP D 93 -22.96 -25.95 2.26
C TRP D 93 -23.60 -27.21 2.83
N ASP D 94 -23.60 -28.28 2.06
CA ASP D 94 -24.25 -29.52 2.53
C ASP D 94 -23.30 -30.43 3.29
N GLY D 95 -22.14 -29.93 3.72
CA GLY D 95 -21.19 -30.77 4.42
C GLY D 95 -20.51 -31.83 3.59
N GLN D 96 -20.84 -31.96 2.32
CA GLN D 96 -20.21 -32.93 1.44
C GLN D 96 -19.06 -32.24 0.70
N THR D 97 -17.86 -32.78 0.87
CA THR D 97 -16.66 -32.22 0.27
C THR D 97 -16.59 -32.60 -1.20
N ARG D 98 -16.44 -31.60 -2.07
CA ARG D 98 -16.28 -31.81 -3.50
C ARG D 98 -14.91 -31.32 -3.95
N ASP D 99 -14.60 -31.59 -5.21
CA ASP D 99 -13.24 -31.41 -5.71
C ASP D 99 -12.79 -29.96 -5.66
N ILE D 100 -13.70 -29.02 -5.85
CA ILE D 100 -13.33 -27.60 -5.90
C ILE D 100 -13.51 -26.99 -4.51
N ALA D 101 -12.39 -26.61 -3.90
CA ALA D 101 -12.39 -26.25 -2.47
C ALA D 101 -13.34 -25.11 -2.16
N THR D 102 -13.44 -24.13 -3.07
CA THR D 102 -14.28 -22.97 -2.86
C THR D 102 -15.76 -23.32 -2.81
N TRP D 103 -16.14 -24.51 -3.28
CA TRP D 103 -17.52 -24.98 -3.18
C TRP D 103 -17.88 -25.46 -1.77
N ASN D 104 -16.88 -25.78 -0.95
CA ASN D 104 -17.13 -26.46 0.32
C ASN D 104 -17.30 -25.45 1.45
N ARG D 105 -18.26 -24.54 1.26
CA ARG D 105 -18.52 -23.44 2.17
C ARG D 105 -19.88 -22.87 1.79
N ASP D 106 -20.38 -21.97 2.63
CA ASP D 106 -21.64 -21.29 2.36
C ASP D 106 -21.45 -20.27 1.24
N HIS D 107 -22.57 -19.88 0.63
CA HIS D 107 -22.51 -19.00 -0.52
C HIS D 107 -23.80 -18.20 -0.59
N ASN D 108 -23.70 -17.02 -1.20
CA ASN D 108 -24.86 -16.32 -1.72
C ASN D 108 -24.79 -16.31 -3.24
N LEU D 109 -25.75 -15.65 -3.85
CA LEU D 109 -25.79 -15.56 -5.31
C LEU D 109 -24.49 -15.01 -5.87
N ILE D 110 -23.98 -13.93 -5.26
CA ILE D 110 -22.77 -13.30 -5.78
C ILE D 110 -21.61 -14.28 -5.78
N THR D 111 -21.36 -14.92 -4.64
CA THR D 111 -20.22 -15.81 -4.52
C THR D 111 -20.44 -17.12 -5.28
N ALA D 112 -21.69 -17.59 -5.37
CA ALA D 112 -21.96 -18.81 -6.12
C ALA D 112 -21.72 -18.60 -7.60
N MET D 113 -21.99 -17.39 -8.10
CA MET D 113 -21.64 -17.05 -9.47
C MET D 113 -20.13 -17.01 -9.64
N LYS D 114 -19.46 -16.19 -8.82
CA LYS D 114 -18.01 -16.03 -8.89
C LYS D 114 -17.28 -17.36 -8.91
N TYR D 115 -17.70 -18.29 -8.05
CA TYR D 115 -16.99 -19.55 -7.90
C TYR D 115 -17.62 -20.69 -8.69
N SER D 116 -18.67 -20.40 -9.46
CA SER D 116 -19.31 -21.40 -10.32
C SER D 116 -19.76 -22.63 -9.51
N VAL D 117 -20.43 -22.38 -8.38
CA VAL D 117 -20.75 -23.41 -7.39
C VAL D 117 -21.92 -24.24 -7.89
N VAL D 118 -21.62 -25.39 -8.50
CA VAL D 118 -22.64 -26.18 -9.17
C VAL D 118 -23.71 -26.72 -8.22
N PRO D 119 -23.37 -27.32 -7.06
CA PRO D 119 -24.43 -27.81 -6.16
C PRO D 119 -25.46 -26.77 -5.75
N VAL D 120 -25.08 -25.50 -5.64
CA VAL D 120 -26.08 -24.47 -5.37
C VAL D 120 -27.02 -24.31 -6.56
N TYR D 121 -26.48 -24.24 -7.77
CA TYR D 121 -27.37 -24.08 -8.93
C TYR D 121 -28.17 -25.34 -9.23
N GLN D 122 -27.60 -26.52 -8.95
CA GLN D 122 -28.39 -27.75 -9.09
C GLN D 122 -29.61 -27.70 -8.19
N GLU D 123 -29.43 -27.25 -6.94
CA GLU D 123 -30.56 -27.07 -6.04
C GLU D 123 -31.54 -26.01 -6.56
N PHE D 124 -31.03 -24.89 -7.09
CA PHE D 124 -31.91 -23.96 -7.80
C PHE D 124 -32.72 -24.69 -8.87
N ALA D 125 -32.03 -25.48 -9.70
CA ALA D 125 -32.71 -26.14 -10.82
C ALA D 125 -33.81 -27.07 -10.34
N ARG D 126 -33.56 -27.79 -9.24
CA ARG D 126 -34.55 -28.73 -8.73
C ARG D 126 -35.80 -28.01 -8.24
N GLN D 127 -35.64 -26.85 -7.59
CA GLN D 127 -36.80 -26.11 -7.12
C GLN D 127 -37.53 -25.44 -8.26
N ILE D 128 -36.80 -24.94 -9.27
CA ILE D 128 -37.47 -24.39 -10.45
C ILE D 128 -38.35 -25.46 -11.08
N GLY D 129 -37.81 -26.65 -11.26
CA GLY D 129 -38.58 -27.71 -11.84
C GLY D 129 -38.47 -27.72 -13.35
N GLU D 130 -38.53 -28.92 -13.94
CA GLU D 130 -38.32 -29.08 -15.36
C GLU D 130 -39.33 -28.26 -16.16
N ALA D 131 -40.61 -28.36 -15.80
CA ALA D 131 -41.63 -27.59 -16.50
C ALA D 131 -41.26 -26.11 -16.59
N ARG D 132 -41.26 -25.42 -15.43
CA ARG D 132 -41.00 -23.97 -15.43
C ARG D 132 -39.65 -23.64 -16.09
N MET D 133 -38.64 -24.49 -15.89
CA MET D 133 -37.34 -24.25 -16.51
C MET D 133 -37.47 -24.23 -18.03
N SER D 134 -38.10 -25.26 -18.60
CA SER D 134 -38.31 -25.32 -20.04
C SER D 134 -39.08 -24.10 -20.54
N LYS D 135 -40.17 -23.75 -19.86
CA LYS D 135 -41.00 -22.64 -20.36
C LYS D 135 -40.20 -21.33 -20.36
N MET D 136 -39.37 -21.11 -19.34
CA MET D 136 -38.61 -19.87 -19.26
C MET D 136 -37.49 -19.83 -20.29
N LEU D 137 -36.81 -20.96 -20.51
CA LEU D 137 -35.79 -21.01 -21.56
C LEU D 137 -36.40 -20.72 -22.93
N HIS D 138 -37.64 -21.19 -23.16
CA HIS D 138 -38.32 -20.83 -24.40
C HIS D 138 -38.58 -19.34 -24.47
N ALA D 139 -39.14 -18.78 -23.40
CA ALA D 139 -39.34 -17.32 -23.35
C ALA D 139 -38.04 -16.56 -23.57
N PHE D 140 -36.93 -17.11 -23.10
CA PHE D 140 -35.62 -16.51 -23.30
C PHE D 140 -35.09 -16.75 -24.71
N ASP D 141 -35.72 -17.66 -25.45
CA ASP D 141 -35.21 -18.05 -26.75
C ASP D 141 -33.76 -18.50 -26.63
N TYR D 142 -33.48 -19.27 -25.57
CA TYR D 142 -32.12 -19.60 -25.12
C TYR D 142 -31.69 -20.94 -25.73
N GLY D 143 -30.67 -20.91 -26.58
CA GLY D 143 -30.17 -22.12 -27.17
C GLY D 143 -31.27 -22.84 -27.92
N ASN D 144 -31.20 -24.18 -27.93
CA ASN D 144 -32.19 -24.98 -28.64
C ASN D 144 -33.43 -25.25 -27.82
N GLU D 145 -33.51 -24.70 -26.60
CA GLU D 145 -34.66 -24.90 -25.69
C GLU D 145 -34.99 -26.39 -25.50
N ASP D 146 -33.95 -27.18 -25.23
CA ASP D 146 -34.08 -28.64 -25.12
C ASP D 146 -33.41 -29.07 -23.81
N ILE D 147 -34.22 -29.59 -22.87
CA ILE D 147 -33.73 -29.90 -21.52
C ILE D 147 -33.31 -31.36 -21.37
N SER D 148 -33.17 -32.09 -22.49
CA SER D 148 -32.98 -33.53 -22.49
C SER D 148 -32.02 -34.03 -21.40
N GLY D 149 -32.55 -34.77 -20.44
CA GLY D 149 -31.87 -35.12 -19.21
C GLY D 149 -32.65 -34.64 -18.00
N ASN D 150 -32.07 -34.87 -16.83
CA ASN D 150 -32.68 -34.38 -15.60
C ASN D 150 -32.56 -32.87 -15.51
N VAL D 151 -33.53 -32.26 -14.82
CA VAL D 151 -33.56 -30.81 -14.69
C VAL D 151 -32.34 -30.27 -13.96
N ASP D 152 -31.66 -31.11 -13.17
CA ASP D 152 -30.52 -30.66 -12.39
C ASP D 152 -29.18 -30.97 -13.03
N SER D 153 -29.17 -31.48 -14.28
CA SER D 153 -27.90 -31.79 -14.93
C SER D 153 -27.91 -31.65 -16.44
N PHE D 154 -29.00 -31.22 -17.08
CA PHE D 154 -29.06 -31.19 -18.53
C PHE D 154 -28.05 -30.21 -19.13
N TRP D 155 -27.73 -29.12 -18.42
CA TRP D 155 -26.80 -28.13 -18.96
C TRP D 155 -25.35 -28.57 -18.90
N LEU D 156 -25.06 -29.71 -18.24
CA LEU D 156 -23.70 -30.24 -18.13
C LEU D 156 -23.42 -31.41 -19.07
N ASP D 157 -24.36 -32.35 -19.20
CA ASP D 157 -24.11 -33.52 -20.05
C ASP D 157 -25.36 -33.96 -20.78
N GLY D 158 -26.28 -33.03 -21.04
CA GLY D 158 -27.55 -33.35 -21.68
C GLY D 158 -27.78 -32.63 -22.98
N GLY D 159 -29.02 -32.23 -23.23
CA GLY D 159 -29.42 -31.81 -24.55
C GLY D 159 -29.27 -30.34 -24.90
N ILE D 160 -29.23 -29.45 -23.89
CA ILE D 160 -29.22 -28.02 -24.18
C ILE D 160 -27.87 -27.58 -24.74
N ARG D 161 -27.91 -26.83 -25.83
CA ARG D 161 -26.68 -26.35 -26.48
C ARG D 161 -26.91 -24.95 -27.02
N ILE D 162 -25.81 -24.23 -27.19
CA ILE D 162 -25.86 -22.82 -27.56
C ILE D 162 -24.55 -22.46 -28.25
N SER D 163 -24.66 -21.59 -29.24
CA SER D 163 -23.48 -21.05 -29.92
C SER D 163 -23.08 -19.71 -29.32
N ALA D 164 -21.84 -19.31 -29.61
CA ALA D 164 -21.36 -18.00 -29.22
C ALA D 164 -22.27 -16.89 -29.71
N THR D 165 -22.73 -16.98 -30.96
CA THR D 165 -23.60 -15.92 -31.46
C THR D 165 -24.95 -15.92 -30.75
N GLU D 166 -25.47 -17.11 -30.42
CA GLU D 166 -26.68 -17.17 -29.61
C GLU D 166 -26.43 -16.67 -28.19
N GLN D 167 -25.22 -16.85 -27.67
CA GLN D 167 -24.92 -16.28 -26.36
C GLN D 167 -25.05 -14.77 -26.41
N ILE D 168 -24.56 -14.17 -27.49
CA ILE D 168 -24.56 -12.71 -27.60
C ILE D 168 -25.99 -12.19 -27.68
N SER D 169 -26.83 -12.83 -28.50
CA SER D 169 -28.24 -12.42 -28.58
C SER D 169 -28.90 -12.45 -27.21
N PHE D 170 -28.70 -13.54 -26.46
CA PHE D 170 -29.26 -13.63 -25.12
C PHE D 170 -28.75 -12.50 -24.23
N LEU D 171 -27.43 -12.31 -24.20
CA LEU D 171 -26.81 -11.30 -23.37
C LEU D 171 -27.25 -9.88 -23.74
N ARG D 172 -27.49 -9.63 -25.03
CA ARG D 172 -27.97 -8.30 -25.43
C ARG D 172 -29.35 -8.03 -24.85
N LYS D 173 -30.21 -9.05 -24.83
CA LYS D 173 -31.50 -8.85 -24.19
C LYS D 173 -31.32 -8.55 -22.70
N LEU D 174 -30.43 -9.29 -22.03
CA LEU D 174 -30.19 -9.06 -20.61
C LEU D 174 -29.70 -7.64 -20.35
N TYR D 175 -28.72 -7.19 -21.14
CA TYR D 175 -28.21 -5.83 -20.97
C TYR D 175 -29.33 -4.79 -21.03
N HIS D 176 -30.24 -4.93 -22.00
CA HIS D 176 -31.32 -3.96 -22.19
C HIS D 176 -32.56 -4.25 -21.34
N ASN D 177 -32.48 -5.17 -20.39
CA ASN D 177 -33.62 -5.52 -19.54
C ASN D 177 -34.82 -5.98 -20.39
N LYS D 178 -34.56 -6.67 -21.50
CA LYS D 178 -35.61 -7.09 -22.40
C LYS D 178 -36.04 -8.54 -22.24
N LEU D 179 -35.34 -9.34 -21.45
CA LEU D 179 -35.79 -10.70 -21.18
C LEU D 179 -37.12 -10.68 -20.44
N HIS D 180 -37.88 -11.77 -20.58
CA HIS D 180 -39.22 -11.84 -20.00
C HIS D 180 -39.14 -12.26 -18.52
N VAL D 181 -38.37 -11.50 -17.75
CA VAL D 181 -38.37 -11.57 -16.29
C VAL D 181 -38.37 -10.15 -15.78
N SER D 182 -38.59 -10.00 -14.47
CA SER D 182 -38.64 -8.66 -13.89
C SER D 182 -37.34 -7.91 -14.16
N GLU D 183 -37.46 -6.59 -14.28
CA GLU D 183 -36.26 -5.76 -14.35
C GLU D 183 -35.35 -6.05 -13.17
N ARG D 184 -35.94 -6.25 -11.98
CA ARG D 184 -35.16 -6.50 -10.77
C ARG D 184 -34.32 -7.76 -10.88
N SER D 185 -34.92 -8.85 -11.40
CA SER D 185 -34.15 -10.08 -11.57
C SER D 185 -32.95 -9.83 -12.49
N GLN D 186 -33.13 -9.04 -13.53
CA GLN D 186 -32.06 -8.79 -14.49
C GLN D 186 -30.97 -7.91 -13.90
N ARG D 187 -31.38 -6.85 -13.18
CA ARG D 187 -30.39 -6.00 -12.49
C ARG D 187 -29.54 -6.82 -11.53
N ILE D 188 -30.16 -7.74 -10.77
CA ILE D 188 -29.39 -8.52 -9.80
C ILE D 188 -28.41 -9.45 -10.50
N VAL D 189 -28.86 -10.16 -11.53
CA VAL D 189 -27.95 -11.04 -12.25
C VAL D 189 -26.82 -10.22 -12.86
N LYS D 190 -27.15 -9.05 -13.41
CA LYS D 190 -26.07 -8.24 -13.97
C LYS D 190 -25.06 -7.83 -12.90
N GLN D 191 -25.55 -7.55 -11.68
CA GLN D 191 -24.64 -7.26 -10.58
C GLN D 191 -23.76 -8.47 -10.26
N ALA D 192 -24.37 -9.65 -10.14
CA ALA D 192 -23.62 -10.89 -9.90
C ALA D 192 -22.63 -11.23 -11.02
N MET D 193 -22.85 -10.76 -12.25
CA MET D 193 -21.92 -11.05 -13.33
C MET D 193 -20.66 -10.21 -13.28
N LEU D 194 -20.64 -9.20 -12.41
CA LEU D 194 -19.52 -8.29 -12.30
C LEU D 194 -18.22 -9.06 -12.08
N THR D 195 -17.25 -8.75 -12.89
CA THR D 195 -15.99 -9.50 -12.89
C THR D 195 -14.78 -8.61 -12.75
N GLU D 196 -14.76 -7.46 -13.41
CA GLU D 196 -13.65 -6.53 -13.35
C GLU D 196 -14.20 -5.12 -13.60
N ALA D 197 -13.62 -4.14 -12.90
CA ALA D 197 -13.96 -2.76 -13.18
C ALA D 197 -12.79 -1.87 -12.79
N ASN D 198 -12.54 -0.88 -13.61
CA ASN D 198 -11.53 0.15 -13.36
C ASN D 198 -11.99 1.42 -14.07
N GLY D 199 -11.10 2.40 -14.14
CA GLY D 199 -11.48 3.65 -14.79
C GLY D 199 -11.60 3.57 -16.31
N ASP D 200 -11.17 2.46 -16.91
CA ASP D 200 -11.27 2.31 -18.36
C ASP D 200 -12.45 1.47 -18.82
N TYR D 201 -12.85 0.44 -18.08
CA TYR D 201 -13.95 -0.39 -18.53
C TYR D 201 -14.53 -1.17 -17.35
N ILE D 202 -15.74 -1.69 -17.56
CA ILE D 202 -16.36 -2.67 -16.69
C ILE D 202 -16.61 -3.94 -17.50
N ILE D 203 -16.27 -5.09 -16.94
CA ILE D 203 -16.57 -6.38 -17.55
C ILE D 203 -17.59 -7.11 -16.68
N ARG D 204 -18.72 -7.44 -17.29
CA ARG D 204 -19.69 -8.36 -16.71
C ARG D 204 -19.69 -9.63 -17.56
N ALA D 205 -19.54 -10.79 -16.91
CA ALA D 205 -19.27 -12.01 -17.67
C ALA D 205 -19.42 -13.24 -16.80
N LYS D 206 -19.44 -14.40 -17.46
CA LYS D 206 -19.45 -15.71 -16.82
C LYS D 206 -18.57 -16.68 -17.60
N THR D 207 -17.69 -17.39 -16.89
CA THR D 207 -16.86 -18.43 -17.46
C THR D 207 -17.62 -19.76 -17.50
N GLY D 208 -17.08 -20.69 -18.27
CA GLY D 208 -17.66 -22.02 -18.38
C GLY D 208 -16.61 -23.00 -18.82
N TYR D 209 -16.77 -24.26 -18.39
CA TYR D 209 -15.86 -25.35 -18.72
C TYR D 209 -16.69 -26.60 -18.91
N SER D 210 -16.90 -26.99 -20.18
CA SER D 210 -17.66 -28.19 -20.52
C SER D 210 -16.70 -29.35 -20.66
N THR D 211 -16.86 -30.38 -19.81
CA THR D 211 -15.98 -31.53 -19.81
C THR D 211 -16.67 -32.87 -20.06
N ARG D 212 -17.99 -32.95 -19.98
CA ARG D 212 -18.65 -34.26 -19.91
C ARG D 212 -18.74 -34.94 -21.27
N ILE D 213 -18.59 -34.20 -22.36
CA ILE D 213 -18.70 -34.72 -23.71
C ILE D 213 -17.69 -33.98 -24.58
N GLU D 214 -17.14 -34.69 -25.56
CA GLU D 214 -16.21 -34.09 -26.51
C GLU D 214 -16.93 -33.13 -27.46
N PRO D 215 -16.27 -32.03 -27.86
CA PRO D 215 -14.94 -31.60 -27.45
C PRO D 215 -14.98 -30.85 -26.10
N LYS D 216 -13.96 -31.02 -25.26
CA LYS D 216 -13.87 -30.26 -24.02
C LYS D 216 -13.58 -28.80 -24.37
N ILE D 217 -14.47 -27.89 -23.98
CA ILE D 217 -14.28 -26.50 -24.34
C ILE D 217 -14.39 -25.60 -23.11
N GLY D 218 -13.71 -24.47 -23.16
CA GLY D 218 -13.88 -23.40 -22.19
C GLY D 218 -14.67 -22.26 -22.81
N TRP D 219 -15.44 -21.56 -21.98
CA TRP D 219 -16.29 -20.44 -22.40
C TRP D 219 -15.90 -19.19 -21.63
N TRP D 220 -16.13 -18.05 -22.26
CA TRP D 220 -16.28 -16.77 -21.54
C TRP D 220 -17.23 -15.92 -22.34
N VAL D 221 -18.37 -15.59 -21.75
CA VAL D 221 -19.39 -14.78 -22.39
C VAL D 221 -19.70 -13.60 -21.48
N GLY D 222 -20.02 -12.46 -22.09
CA GLY D 222 -20.34 -11.28 -21.32
C GLY D 222 -20.22 -10.04 -22.19
N TRP D 223 -19.96 -8.91 -21.53
CA TRP D 223 -19.75 -7.69 -22.27
C TRP D 223 -18.78 -6.77 -21.54
N VAL D 224 -18.25 -5.83 -22.31
CA VAL D 224 -17.37 -4.77 -21.84
C VAL D 224 -18.15 -3.48 -21.95
N GLU D 225 -18.36 -2.80 -20.81
CA GLU D 225 -19.05 -1.51 -20.78
C GLU D 225 -18.02 -0.39 -20.87
N LEU D 226 -18.20 0.52 -21.82
CA LEU D 226 -17.36 1.69 -21.97
C LEU D 226 -18.18 2.92 -21.67
N ASP D 227 -17.52 4.09 -21.66
CA ASP D 227 -18.26 5.34 -21.40
C ASP D 227 -19.42 5.52 -22.37
N ASP D 228 -19.22 5.19 -23.64
CA ASP D 228 -20.15 5.56 -24.70
C ASP D 228 -20.64 4.36 -25.50
N ASN D 229 -20.16 3.16 -25.23
CA ASN D 229 -20.52 1.99 -26.02
C ASN D 229 -20.47 0.77 -25.11
N VAL D 230 -21.02 -0.33 -25.63
CA VAL D 230 -20.91 -1.64 -25.00
C VAL D 230 -20.49 -2.63 -26.08
N TRP D 231 -19.53 -3.50 -25.76
CA TRP D 231 -19.06 -4.57 -26.63
C TRP D 231 -19.42 -5.90 -25.99
N PHE D 232 -20.37 -6.61 -26.57
CA PHE D 232 -20.65 -7.98 -26.15
C PHE D 232 -19.62 -8.93 -26.72
N PHE D 233 -19.36 -10.00 -25.97
CA PHE D 233 -18.38 -10.97 -26.44
C PHE D 233 -18.82 -12.36 -26.01
N ALA D 234 -18.45 -13.33 -26.83
CA ALA D 234 -18.65 -14.73 -26.49
C ALA D 234 -17.53 -15.51 -27.15
N MET D 235 -16.77 -16.24 -26.34
CA MET D 235 -15.65 -17.01 -26.85
C MET D 235 -15.75 -18.44 -26.35
N ASN D 236 -15.38 -19.38 -27.20
CA ASN D 236 -15.02 -20.69 -26.68
C ASN D 236 -13.76 -21.16 -27.38
N MET D 237 -13.08 -22.12 -26.75
CA MET D 237 -11.82 -22.64 -27.22
C MET D 237 -11.70 -24.08 -26.76
N ASP D 238 -10.91 -24.87 -27.48
CA ASP D 238 -10.64 -26.24 -27.05
C ASP D 238 -9.88 -26.22 -25.74
N MET D 239 -10.24 -27.10 -24.82
CA MET D 239 -9.70 -27.08 -23.47
C MET D 239 -9.51 -28.52 -22.99
N PRO D 240 -8.53 -29.24 -23.54
CA PRO D 240 -8.35 -30.65 -23.15
C PRO D 240 -8.00 -30.84 -21.68
N THR D 241 -7.41 -29.85 -21.00
CA THR D 241 -7.18 -29.95 -19.58
C THR D 241 -7.47 -28.60 -18.93
N SER D 242 -7.66 -28.64 -17.61
CA SER D 242 -7.91 -27.43 -16.83
C SER D 242 -6.72 -26.48 -16.81
N ASP D 243 -5.53 -26.92 -17.21
CA ASP D 243 -4.35 -26.08 -17.09
C ASP D 243 -4.43 -24.83 -17.95
N GLY D 244 -5.11 -24.89 -19.09
CA GLY D 244 -5.22 -23.72 -19.94
C GLY D 244 -6.39 -22.79 -19.64
N LEU D 245 -7.09 -22.96 -18.52
CA LEU D 245 -8.35 -22.26 -18.32
C LEU D 245 -8.18 -20.74 -18.34
N GLY D 246 -7.03 -20.25 -17.92
CA GLY D 246 -6.78 -18.81 -17.92
C GLY D 246 -6.66 -18.22 -19.30
N LEU D 247 -6.50 -19.05 -20.33
CA LEU D 247 -6.44 -18.54 -21.69
C LEU D 247 -7.78 -17.99 -22.15
N ARG D 248 -8.88 -18.47 -21.55
CA ARG D 248 -10.19 -17.92 -21.87
C ARG D 248 -10.19 -16.40 -21.76
N GLN D 249 -9.81 -15.88 -20.57
CA GLN D 249 -9.78 -14.43 -20.38
C GLN D 249 -8.62 -13.80 -21.11
N ALA D 250 -7.45 -14.44 -21.10
CA ALA D 250 -6.27 -13.80 -21.67
C ALA D 250 -6.42 -13.62 -23.18
N ILE D 251 -6.88 -14.66 -23.88
CA ILE D 251 -7.02 -14.54 -25.32
C ILE D 251 -8.11 -13.53 -25.67
N THR D 252 -9.23 -13.57 -24.93
CA THR D 252 -10.28 -12.58 -25.18
C THR D 252 -9.73 -11.16 -25.02
N LYS D 253 -8.97 -10.93 -23.95
CA LYS D 253 -8.44 -9.59 -23.69
C LYS D 253 -7.40 -9.20 -24.74
N GLU D 254 -6.64 -10.16 -25.28
CA GLU D 254 -5.73 -9.85 -26.39
C GLU D 254 -6.50 -9.35 -27.61
N VAL D 255 -7.66 -9.96 -27.89
CA VAL D 255 -8.49 -9.49 -29.00
C VAL D 255 -9.08 -8.13 -28.68
N LEU D 256 -9.56 -7.94 -27.44
CA LEU D 256 -10.12 -6.64 -27.05
C LEU D 256 -9.08 -5.54 -27.18
N LYS D 257 -7.83 -5.82 -26.79
CA LYS D 257 -6.76 -4.83 -26.91
C LYS D 257 -6.41 -4.57 -28.38
N GLN D 258 -6.40 -5.62 -29.20
CA GLN D 258 -6.08 -5.42 -30.61
C GLN D 258 -7.12 -4.54 -31.28
N GLU D 259 -8.39 -4.74 -30.95
CA GLU D 259 -9.45 -3.90 -31.47
C GLU D 259 -9.60 -2.59 -30.70
N LYS D 260 -8.64 -2.27 -29.84
CA LYS D 260 -8.57 -1.00 -29.12
C LYS D 260 -9.81 -0.75 -28.26
N ILE D 261 -10.43 -1.83 -27.78
CA ILE D 261 -11.62 -1.69 -26.94
C ILE D 261 -11.22 -1.44 -25.48
N ILE D 262 -10.12 -2.04 -25.03
CA ILE D 262 -9.58 -1.79 -23.70
C ILE D 262 -8.12 -1.41 -23.88
N PRO D 263 -7.53 -0.62 -22.96
CA PRO D 263 -6.13 -0.19 -23.08
C PRO D 263 -5.16 -1.36 -23.12
CL CL E . 22.62 3.45 10.18
CAK DGF F . 11.42 -9.01 26.69
CAI DGF F . 10.68 -10.07 27.48
CAJ DGF F . 11.26 -9.99 28.88
OAP DGF F . 12.49 -9.28 28.77
CAY DGF F . 12.46 -8.41 27.63
CAV DGF F . 13.83 -8.29 26.98
SAQ DGF F . 15.12 -9.25 27.84
CAU DGF F . 14.46 -6.91 26.96
CAS DGF F . 13.77 -5.61 26.63
OAG DGF F . 12.54 -5.58 26.37
OAE DGF F . 14.48 -4.58 26.60
NAN DGF F . 15.72 -6.86 27.20
CAZ DGF F . 16.39 -8.02 27.74
CBA DGF F . 16.77 -7.56 29.15
CAW DGF F . 17.71 -8.59 29.74
CAC DGF F . 18.42 -8.06 30.99
OAH DGF F . 16.95 -9.75 30.07
CAT DGF F . 17.48 -6.23 29.05
OAF DGF F . 17.38 -5.36 29.90
CAK DGF G . 11.74 15.46 -6.73
CAI DGF G . 11.17 16.72 -7.36
CAJ DGF G . 11.47 16.55 -8.84
OAP DGF G . 12.69 15.78 -8.90
CAY DGF G . 12.83 15.02 -7.69
CAV DGF G . 14.23 15.12 -7.06
SAQ DGF G . 15.41 16.21 -7.92
CAU DGF G . 14.99 13.83 -7.05
CAS DGF G . 14.41 12.43 -6.87
OAG DGF G . 13.22 12.27 -6.52
OAE DGF G . 15.19 11.46 -7.08
NAN DGF G . 16.27 13.94 -7.21
CAZ DGF G . 16.82 15.14 -7.82
CBA DGF G . 17.25 14.61 -9.17
CAW DGF G . 18.19 15.61 -9.82
CAC DGF G . 18.44 15.25 -11.27
OAH DGF G . 17.60 16.91 -9.72
CAT DGF G . 17.95 13.28 -9.03
OAF DGF G . 17.87 12.35 -9.80
CL CL H . -22.62 -3.42 -10.34
CAK DGF I . -10.80 16.87 -9.98
CAI DGF I . -10.21 18.15 -10.56
CAJ DGF I . -10.56 19.23 -9.55
OAP DGF I . -11.75 18.77 -8.89
CAY DGF I . -11.82 17.34 -8.92
CAV DGF I . -13.23 16.81 -9.22
SAQ DGF I . -14.53 18.09 -9.38
CAU DGF I . -13.81 15.96 -8.12
CAS DGF I . -13.04 14.95 -7.32
OAG DGF I . -13.62 14.40 -6.36
OAE DGF I . -11.85 14.67 -7.63
NAN DGF I . -15.07 16.09 -7.89
CAZ DGF I . -15.75 17.27 -8.41
CBA DGF I . -16.08 18.06 -7.16
CAW DGF I . -17.02 19.19 -7.52
CAC DGF I . -17.44 19.98 -6.28
OAH DGF I . -16.34 20.07 -8.44
CAT DGF I . -16.75 17.16 -6.15
OAF DGF I . -16.51 17.16 -4.95
C1 GOL J . -24.99 19.74 -19.24
O1 GOL J . -24.12 20.85 -19.25
C2 GOL J . -26.02 20.00 -18.14
O2 GOL J . -26.33 21.36 -18.02
C3 GOL J . -27.26 19.17 -18.56
O3 GOL J . -28.17 19.28 -17.51
CAK DGF K . -12.20 -24.42 -12.40
CAI DGF K . -11.26 -25.60 -12.37
CAJ DGF K . -11.90 -26.65 -13.26
OAP DGF K . -13.29 -26.29 -13.35
CAY DGF K . -13.37 -24.86 -13.26
CAV DGF K . -14.73 -24.39 -12.74
SAQ DGF K . -15.95 -25.70 -12.55
CAU DGF K . -15.48 -23.48 -13.68
CAS DGF K . -14.89 -22.44 -14.61
OAG DGF K . -13.65 -22.20 -14.60
OAE DGF K . -15.67 -21.84 -15.37
NAN DGF K . -16.76 -23.61 -13.67
CAZ DGF K . -17.35 -24.83 -13.13
CBA DGF K . -17.93 -25.54 -14.33
CAW DGF K . -18.92 -26.60 -13.87
CAC DGF K . -19.30 -27.53 -15.03
OAH DGF K . -18.33 -27.35 -12.82
CAT DGF K . -18.64 -24.56 -15.24
OAF DGF K . -18.52 -24.52 -16.46
#